data_8ZAY
#
_entry.id   8ZAY
#
_cell.length_a   51.780
_cell.length_b   70.440
_cell.length_c   132.460
_cell.angle_alpha   90.000
_cell.angle_beta   96.690
_cell.angle_gamma   90.000
#
_symmetry.space_group_name_H-M   'P 1 21 1'
#
loop_
_entity.id
_entity.type
_entity.pdbx_description
1 polymer 'VH-CH1 region of antibody of anti-RseP orthologue from A aeolicus'
2 polymer 'Light chain of antibody of anti-RseP orthologue from A aeolicus'
3 non-polymer 'ZINC ION'
4 water water
#
loop_
_entity_poly.entity_id
_entity_poly.type
_entity_poly.pdbx_seq_one_letter_code
_entity_poly.pdbx_strand_id
1 'polypeptide(L)'
;GSEVKLVESGGGLVQPGGSLRLSCVTSGFTFTDYYMSWVRQPPGKALEWLAFIRNKVNGYTTEYRASVKGRFTISRDSSQ
SILYLQVNTLRAEDSATYYCARDRGGNGVYFDYWGQGTTLTVSSAKTTPPSVYPLAPGSAAQTNSMVTLGCLVKGYFPEP
VTVTWNSGSLSSGVHTFPAVLQSDLYTLSSSVTVPSSTWPSETVTCNVAHPASSTKVDKKIVPRDC
;
H,I
2 'polypeptide(L)'
;DIVMTQSHKFMSTSVGDRVSITCKASQDVGTDVAWYQQKPGQSPKLLIYWASIRHTGVPDRFTGSGSGTDFTLTISNVQS
EDLADYFCQQYSSYPLTFGAGTKLELERADAAPTVSIFPPSSEQLTSGGASVVCFLNNFYPKDINVKWKIDGSERQNGVL
NSWTDQDSKDSTYSMSSTLTLTKDEYERHNSYTCEATHKTSTSPIVKSFNRNEC
;
L,M
#
loop_
_chem_comp.id
_chem_comp.type
_chem_comp.name
_chem_comp.formula
ZN non-polymer 'ZINC ION' 'Zn 2'
#
# COMPACT_ATOMS: atom_id res chain seq x y z
N GLU A 3 -34.33 1.04 11.83
CA GLU A 3 -33.48 1.55 12.91
C GLU A 3 -32.68 2.77 12.45
N VAL A 4 -31.43 2.85 12.88
CA VAL A 4 -30.56 3.97 12.51
C VAL A 4 -30.48 4.08 10.99
N LYS A 5 -30.64 5.29 10.47
CA LYS A 5 -30.59 5.54 9.04
C LYS A 5 -30.02 6.92 8.79
N LEU A 6 -29.10 7.00 7.83
CA LEU A 6 -28.48 8.27 7.45
C LEU A 6 -28.46 8.36 5.93
N VAL A 7 -28.88 9.52 5.41
CA VAL A 7 -28.98 9.74 3.96
C VAL A 7 -28.34 11.08 3.63
N GLU A 8 -27.30 11.06 2.81
CA GLU A 8 -26.60 12.28 2.43
C GLU A 8 -27.12 12.82 1.11
N SER A 9 -27.08 14.15 0.98
CA SER A 9 -27.50 14.83 -0.23
C SER A 9 -26.60 16.04 -0.45
N GLY A 10 -26.64 16.58 -1.67
CA GLY A 10 -25.88 17.77 -2.02
C GLY A 10 -24.74 17.54 -2.97
N GLY A 11 -24.42 16.29 -3.31
CA GLY A 11 -23.33 16.02 -4.22
C GLY A 11 -23.66 16.37 -5.65
N GLY A 12 -22.67 16.17 -6.52
CA GLY A 12 -22.82 16.44 -7.93
C GLY A 12 -21.56 17.09 -8.47
N LEU A 13 -21.72 17.75 -9.62
CA LEU A 13 -20.61 18.42 -10.30
C LEU A 13 -20.61 19.90 -9.94
N VAL A 14 -19.46 20.41 -9.52
CA VAL A 14 -19.31 21.80 -9.12
C VAL A 14 -17.98 22.31 -9.66
N GLN A 15 -17.98 23.54 -10.17
CA GLN A 15 -16.77 24.11 -10.73
C GLN A 15 -15.80 24.52 -9.62
N PRO A 16 -14.50 24.55 -9.92
CA PRO A 16 -13.53 24.96 -8.90
C PRO A 16 -13.78 26.38 -8.41
N GLY A 17 -13.43 26.62 -7.15
CA GLY A 17 -13.64 27.92 -6.54
C GLY A 17 -15.04 28.19 -6.06
N GLY A 18 -15.96 27.22 -6.17
CA GLY A 18 -17.33 27.42 -5.77
C GLY A 18 -17.59 27.00 -4.33
N SER A 19 -18.86 27.05 -3.95
CA SER A 19 -19.28 26.70 -2.61
C SER A 19 -20.59 25.92 -2.69
N LEU A 20 -20.85 25.12 -1.66
CA LEU A 20 -22.09 24.36 -1.56
C LEU A 20 -22.23 23.84 -0.14
N ARG A 21 -23.40 23.29 0.16
CA ARG A 21 -23.71 22.72 1.47
C ARG A 21 -24.22 21.31 1.30
N LEU A 22 -23.63 20.37 2.04
CA LEU A 22 -24.10 19.00 2.05
C LEU A 22 -25.05 18.79 3.22
N SER A 23 -25.98 17.85 3.05
CA SER A 23 -27.00 17.56 4.04
C SER A 23 -27.00 16.09 4.40
N CYS A 24 -27.38 15.79 5.64
CA CYS A 24 -27.50 14.42 6.13
C CYS A 24 -28.77 14.32 6.96
N VAL A 25 -29.75 13.57 6.46
CA VAL A 25 -31.02 13.36 7.15
C VAL A 25 -30.94 12.07 7.95
N THR A 26 -31.23 12.15 9.24
CA THR A 26 -31.10 11.02 10.15
C THR A 26 -32.47 10.58 10.66
N SER A 27 -32.53 9.34 11.13
CA SER A 27 -33.76 8.78 11.67
C SER A 27 -33.41 7.53 12.47
N GLY A 28 -34.33 7.13 13.35
CA GLY A 28 -34.19 5.93 14.13
C GLY A 28 -33.50 6.11 15.48
N PHE A 29 -33.07 7.32 15.81
CA PHE A 29 -32.40 7.58 17.08
C PHE A 29 -32.56 9.05 17.43
N THR A 30 -32.45 9.35 18.73
CA THR A 30 -32.50 10.72 19.20
C THR A 30 -31.29 11.48 18.68
N PHE A 31 -31.53 12.44 17.78
CA PHE A 31 -30.44 13.08 17.04
C PHE A 31 -29.57 13.94 17.96
N THR A 32 -30.19 14.67 18.89
CA THR A 32 -29.45 15.61 19.72
C THR A 32 -28.63 14.94 20.80
N ASP A 33 -28.62 13.61 20.89
CA ASP A 33 -27.93 12.91 21.95
C ASP A 33 -26.62 12.26 21.49
N TYR A 34 -26.28 12.36 20.21
CA TYR A 34 -25.12 11.66 19.66
C TYR A 34 -24.20 12.63 18.95
N TYR A 35 -22.90 12.36 19.04
CA TYR A 35 -21.93 13.05 18.21
C TYR A 35 -22.20 12.73 16.74
N MET A 36 -22.03 13.72 15.88
CA MET A 36 -22.15 13.54 14.44
C MET A 36 -20.89 14.04 13.76
N SER A 37 -20.52 13.41 12.65
CA SER A 37 -19.24 13.69 12.00
C SER A 37 -19.39 13.58 10.50
N TRP A 38 -18.38 14.10 9.79
CA TRP A 38 -18.26 14.00 8.34
C TRP A 38 -16.90 13.39 8.00
N VAL A 39 -16.91 12.40 7.11
CA VAL A 39 -15.68 11.75 6.65
C VAL A 39 -15.75 11.64 5.13
N ARG A 40 -14.62 11.92 4.47
CA ARG A 40 -14.52 11.87 3.02
C ARG A 40 -13.63 10.71 2.59
N GLN A 41 -13.93 10.17 1.41
CA GLN A 41 -13.15 9.06 0.83
C GLN A 41 -12.74 9.44 -0.59
N PRO A 42 -11.52 9.93 -0.79
CA PRO A 42 -11.07 10.27 -2.14
C PRO A 42 -10.88 9.01 -2.97
N PRO A 43 -10.86 9.13 -4.30
CA PRO A 43 -10.65 7.96 -5.15
C PRO A 43 -9.28 7.32 -4.90
N GLY A 44 -9.30 6.04 -4.53
CA GLY A 44 -8.06 5.31 -4.30
C GLY A 44 -7.22 5.85 -3.17
N LYS A 45 -7.84 6.44 -2.15
CA LYS A 45 -7.13 7.01 -1.02
C LYS A 45 -7.84 6.63 0.26
N ALA A 46 -7.11 6.73 1.38
CA ALA A 46 -7.66 6.39 2.68
C ALA A 46 -8.71 7.40 3.10
N LEU A 47 -9.59 6.96 4.00
CA LEU A 47 -10.62 7.85 4.52
C LEU A 47 -9.99 8.97 5.33
N GLU A 48 -10.60 10.15 5.26
CA GLU A 48 -10.09 11.34 5.91
C GLU A 48 -11.21 11.97 6.74
N TRP A 49 -11.04 11.96 8.06
CA TRP A 49 -11.99 12.62 8.94
C TRP A 49 -11.88 14.13 8.80
N LEU A 50 -13.02 14.80 8.69
CA LEU A 50 -13.05 16.24 8.49
C LEU A 50 -13.44 17.00 9.75
N ALA A 51 -14.53 16.64 10.41
CA ALA A 51 -15.00 17.34 11.59
C ALA A 51 -16.06 16.51 12.29
N PHE A 52 -16.32 16.87 13.55
CA PHE A 52 -17.45 16.32 14.29
C PHE A 52 -17.99 17.40 15.22
N ILE A 53 -19.26 17.24 15.59
CA ILE A 53 -19.94 18.15 16.51
C ILE A 53 -20.54 17.33 17.64
N ARG A 54 -20.41 17.84 18.86
CA ARG A 54 -20.81 17.09 20.05
C ARG A 54 -22.32 17.17 20.26
N ASN A 55 -22.80 16.47 21.28
CA ASN A 55 -24.23 16.35 21.55
C ASN A 55 -24.70 17.54 22.40
N LYS A 56 -25.94 17.47 22.88
CA LYS A 56 -26.53 18.59 23.60
C LYS A 56 -25.89 18.77 24.97
N VAL A 57 -25.63 17.67 25.68
CA VAL A 57 -25.04 17.75 27.01
C VAL A 57 -23.61 18.28 27.00
N ASN A 58 -22.98 18.35 25.82
CA ASN A 58 -21.62 18.87 25.69
C ASN A 58 -21.58 20.21 24.97
N GLY A 59 -22.71 20.90 24.87
CA GLY A 59 -22.74 22.24 24.32
C GLY A 59 -22.64 22.34 22.82
N TYR A 60 -22.78 21.22 22.09
CA TYR A 60 -22.73 21.21 20.61
C TYR A 60 -21.41 21.77 20.08
N THR A 61 -20.31 21.54 20.79
CA THR A 61 -19.02 22.06 20.36
C THR A 61 -18.48 21.25 19.19
N THR A 62 -17.58 21.87 18.43
CA THR A 62 -17.06 21.29 17.20
C THR A 62 -15.55 21.10 17.28
N GLU A 63 -15.05 20.11 16.55
CA GLU A 63 -13.63 19.87 16.37
C GLU A 63 -13.35 19.66 14.90
N TYR A 64 -12.25 20.23 14.40
CA TYR A 64 -11.97 20.26 12.98
C TYR A 64 -10.58 19.70 12.70
N ARG A 65 -10.45 19.08 11.53
CA ARG A 65 -9.13 18.79 10.99
C ARG A 65 -8.44 20.09 10.63
N ALA A 66 -7.15 20.18 10.97
CA ALA A 66 -6.43 21.45 10.83
C ALA A 66 -6.41 21.93 9.38
N SER A 67 -6.36 21.00 8.42
CA SER A 67 -6.31 21.37 7.01
C SER A 67 -7.59 22.03 6.52
N VAL A 68 -8.72 21.76 7.16
CA VAL A 68 -10.01 22.25 6.69
C VAL A 68 -10.57 23.36 7.56
N LYS A 69 -9.88 23.73 8.64
CA LYS A 69 -10.37 24.80 9.50
C LYS A 69 -10.40 26.12 8.73
N GLY A 70 -11.51 26.85 8.86
CA GLY A 70 -11.74 28.03 8.07
C GLY A 70 -12.30 27.77 6.69
N ARG A 71 -12.31 26.51 6.23
CA ARG A 71 -12.88 26.12 4.95
C ARG A 71 -14.18 25.34 5.08
N PHE A 72 -14.24 24.40 6.02
CA PHE A 72 -15.39 23.53 6.21
C PHE A 72 -16.09 23.89 7.51
N THR A 73 -17.41 23.77 7.53
CA THR A 73 -18.20 24.09 8.73
C THR A 73 -19.27 23.04 8.91
N ILE A 74 -19.29 22.41 10.08
CA ILE A 74 -20.30 21.41 10.44
C ILE A 74 -21.30 22.05 11.40
N SER A 75 -22.57 21.67 11.26
CA SER A 75 -23.62 22.25 12.09
C SER A 75 -24.85 21.35 12.03
N ARG A 76 -25.75 21.55 12.99
CA ARG A 76 -27.00 20.83 13.06
C ARG A 76 -28.17 21.79 12.84
N ASP A 77 -29.27 21.24 12.34
CA ASP A 77 -30.49 22.04 12.16
C ASP A 77 -31.11 22.35 13.51
N SER A 78 -31.83 23.47 13.57
CA SER A 78 -32.36 23.95 14.84
C SER A 78 -33.55 23.11 15.30
N SER A 79 -34.40 22.67 14.37
CA SER A 79 -35.62 21.97 14.73
C SER A 79 -35.79 20.64 13.98
N GLN A 80 -34.79 20.21 13.23
CA GLN A 80 -34.87 18.96 12.48
C GLN A 80 -33.60 18.14 12.70
N SER A 81 -33.72 16.84 12.48
CA SER A 81 -32.61 15.90 12.66
C SER A 81 -31.75 15.85 11.39
N ILE A 82 -31.20 17.01 11.03
CA ILE A 82 -30.40 17.16 9.81
C ILE A 82 -29.03 17.72 10.19
N LEU A 83 -27.99 17.11 9.64
CA LEU A 83 -26.62 17.57 9.83
C LEU A 83 -26.11 18.17 8.53
N TYR A 84 -25.36 19.26 8.62
CA TYR A 84 -24.90 20.01 7.47
C TYR A 84 -23.38 20.05 7.43
N LEU A 85 -22.85 20.32 6.24
CA LEU A 85 -21.42 20.54 6.03
C LEU A 85 -21.27 21.60 4.95
N GLN A 86 -20.87 22.81 5.34
CA GLN A 86 -20.62 23.89 4.41
C GLN A 86 -19.18 23.82 3.91
N VAL A 87 -19.01 23.98 2.60
CA VAL A 87 -17.70 23.89 1.95
C VAL A 87 -17.56 25.04 0.97
N ASN A 88 -16.39 25.68 0.99
CA ASN A 88 -16.08 26.79 0.11
C ASN A 88 -14.71 26.60 -0.51
N THR A 89 -14.38 27.47 -1.47
CA THR A 89 -13.10 27.44 -2.18
C THR A 89 -12.77 26.04 -2.68
N LEU A 90 -13.71 25.45 -3.41
CA LEU A 90 -13.58 24.07 -3.84
C LEU A 90 -12.48 23.93 -4.89
N ARG A 91 -11.65 22.91 -4.72
CA ARG A 91 -10.61 22.56 -5.67
C ARG A 91 -10.79 21.12 -6.11
N ALA A 92 -10.04 20.73 -7.14
CA ALA A 92 -10.15 19.37 -7.68
C ALA A 92 -9.80 18.31 -6.65
N GLU A 93 -9.02 18.66 -5.62
CA GLU A 93 -8.65 17.70 -4.60
C GLU A 93 -9.81 17.36 -3.67
N ASP A 94 -10.87 18.17 -3.66
CA ASP A 94 -12.02 17.90 -2.81
C ASP A 94 -12.96 16.85 -3.40
N SER A 95 -12.69 16.37 -4.62
CA SER A 95 -13.54 15.36 -5.24
C SER A 95 -13.42 14.04 -4.47
N ALA A 96 -14.53 13.58 -3.91
CA ALA A 96 -14.54 12.38 -3.09
C ALA A 96 -15.98 11.99 -2.80
N THR A 97 -16.14 10.85 -2.14
CA THR A 97 -17.41 10.46 -1.54
C THR A 97 -17.44 10.95 -0.09
N TYR A 98 -18.45 11.74 0.24
CA TYR A 98 -18.55 12.37 1.55
C TYR A 98 -19.56 11.59 2.40
N TYR A 99 -19.11 11.10 3.55
CA TYR A 99 -19.89 10.21 4.40
C TYR A 99 -20.35 10.95 5.65
N CYS A 100 -21.63 10.81 5.97
CA CYS A 100 -22.19 11.24 7.24
C CYS A 100 -22.21 10.06 8.21
N ALA A 101 -21.83 10.30 9.46
CA ALA A 101 -21.65 9.20 10.40
C ALA A 101 -22.06 9.63 11.80
N ARG A 102 -22.61 8.67 12.55
CA ARG A 102 -22.91 8.84 13.95
C ARG A 102 -21.76 8.28 14.79
N ASP A 103 -21.34 9.04 15.80
CA ASP A 103 -20.15 8.71 16.58
C ASP A 103 -20.53 8.19 17.96
N ARG A 104 -19.64 7.38 18.52
CA ARG A 104 -19.76 6.89 19.89
C ARG A 104 -18.41 7.02 20.58
N GLY A 105 -18.39 6.71 21.87
CA GLY A 105 -17.15 6.73 22.63
C GLY A 105 -16.77 8.06 23.25
N GLY A 106 -17.69 9.02 23.28
CA GLY A 106 -17.37 10.31 23.88
C GLY A 106 -16.32 11.04 23.05
N ASN A 107 -15.29 11.56 23.74
CA ASN A 107 -14.19 12.21 23.03
C ASN A 107 -13.33 11.21 22.27
N GLY A 108 -13.34 9.94 22.66
CA GLY A 108 -12.70 8.89 21.88
C GLY A 108 -13.60 8.49 20.72
N VAL A 109 -13.62 9.31 19.67
CA VAL A 109 -14.63 9.21 18.64
C VAL A 109 -14.35 8.01 17.73
N TYR A 110 -15.31 7.10 17.63
CA TYR A 110 -15.36 6.12 16.57
C TYR A 110 -16.75 6.17 15.93
N PHE A 111 -16.85 5.61 14.73
CA PHE A 111 -18.01 5.80 13.86
C PHE A 111 -18.79 4.48 13.80
N ASP A 112 -19.91 4.43 14.51
CA ASP A 112 -20.66 3.19 14.65
C ASP A 112 -21.74 2.99 13.59
N TYR A 113 -22.12 4.04 12.86
CA TYR A 113 -23.09 3.90 11.79
C TYR A 113 -22.84 4.97 10.73
N TRP A 114 -22.72 4.53 9.48
CA TRP A 114 -22.39 5.40 8.36
C TRP A 114 -23.58 5.49 7.41
N GLY A 115 -23.71 6.66 6.78
CA GLY A 115 -24.71 6.86 5.74
C GLY A 115 -24.25 6.30 4.41
N GLN A 116 -25.14 6.40 3.42
CA GLN A 116 -24.83 5.86 2.11
C GLN A 116 -23.75 6.68 1.40
N GLY A 117 -23.69 7.97 1.67
CA GLY A 117 -22.67 8.82 1.08
C GLY A 117 -23.16 9.53 -0.16
N THR A 118 -22.57 10.70 -0.42
CA THR A 118 -22.87 11.48 -1.62
C THR A 118 -21.55 11.86 -2.28
N THR A 119 -21.53 11.78 -3.61
CA THR A 119 -20.31 11.94 -4.39
C THR A 119 -20.20 13.36 -4.92
N LEU A 120 -19.04 13.98 -4.70
CA LEU A 120 -18.76 15.33 -5.17
C LEU A 120 -17.65 15.29 -6.21
N THR A 121 -17.87 15.95 -7.34
CA THR A 121 -16.88 16.06 -8.40
C THR A 121 -16.59 17.53 -8.66
N VAL A 122 -15.33 17.93 -8.52
CA VAL A 122 -14.91 19.30 -8.72
C VAL A 122 -14.05 19.36 -9.98
N SER A 123 -14.61 19.92 -11.05
CA SER A 123 -13.89 20.03 -12.31
C SER A 123 -14.56 21.10 -13.17
N SER A 124 -13.82 21.60 -14.15
CA SER A 124 -14.32 22.59 -15.08
C SER A 124 -14.89 21.97 -16.36
N ALA A 125 -14.86 20.64 -16.49
CA ALA A 125 -15.33 19.99 -17.69
C ALA A 125 -16.85 20.09 -17.81
N LYS A 126 -17.32 20.16 -19.05
CA LYS A 126 -18.73 20.38 -19.34
C LYS A 126 -19.49 19.06 -19.34
N THR A 127 -20.71 19.09 -18.81
CA THR A 127 -21.58 17.91 -18.83
C THR A 127 -21.89 17.50 -20.25
N THR A 128 -21.69 16.22 -20.56
CA THR A 128 -21.87 15.71 -21.91
C THR A 128 -22.64 14.39 -21.85
N PRO A 129 -23.68 14.23 -22.67
CA PRO A 129 -24.42 12.96 -22.69
C PRO A 129 -23.61 11.87 -23.37
N PRO A 130 -23.92 10.60 -23.10
CA PRO A 130 -23.14 9.50 -23.68
C PRO A 130 -23.65 9.07 -25.04
N SER A 131 -22.78 8.37 -25.76
CA SER A 131 -23.11 7.69 -27.01
C SER A 131 -23.02 6.18 -26.77
N VAL A 132 -24.10 5.48 -27.09
CA VAL A 132 -24.21 4.05 -26.80
C VAL A 132 -24.13 3.28 -28.11
N TYR A 133 -23.14 2.40 -28.21
CA TYR A 133 -22.93 1.58 -29.39
C TYR A 133 -23.06 0.10 -29.05
N PRO A 134 -23.74 -0.68 -29.88
CA PRO A 134 -23.86 -2.11 -29.62
C PRO A 134 -22.58 -2.87 -29.96
N LEU A 135 -22.42 -4.01 -29.30
CA LEU A 135 -21.28 -4.90 -29.53
C LEU A 135 -21.84 -6.28 -29.89
N ALA A 136 -21.86 -6.60 -31.18
CA ALA A 136 -22.39 -7.84 -31.68
C ALA A 136 -21.31 -8.63 -32.42
N PRO A 137 -21.36 -9.97 -32.37
CA PRO A 137 -20.40 -10.80 -33.11
C PRO A 137 -20.75 -10.94 -34.58
N SER A 145 -22.41 -22.31 -28.38
CA SER A 145 -23.48 -22.57 -27.42
C SER A 145 -23.76 -21.34 -26.57
N MET A 146 -22.71 -20.75 -26.02
CA MET A 146 -22.79 -19.49 -25.28
C MET A 146 -22.20 -18.39 -26.15
N VAL A 147 -22.92 -17.27 -26.25
CA VAL A 147 -22.51 -16.13 -27.06
C VAL A 147 -22.42 -14.91 -26.16
N THR A 148 -21.45 -14.04 -26.45
CA THR A 148 -21.19 -12.85 -25.65
C THR A 148 -21.56 -11.61 -26.46
N LEU A 149 -22.43 -10.78 -25.90
CA LEU A 149 -22.80 -9.49 -26.46
C LEU A 149 -22.30 -8.39 -25.53
N GLY A 150 -22.59 -7.14 -25.89
CA GLY A 150 -22.14 -6.03 -25.06
C GLY A 150 -22.63 -4.71 -25.59
N CYS A 151 -22.36 -3.67 -24.80
CA CYS A 151 -22.68 -2.29 -25.13
C CYS A 151 -21.50 -1.41 -24.77
N LEU A 152 -21.22 -0.41 -25.60
CA LEU A 152 -20.12 0.51 -25.39
C LEU A 152 -20.67 1.90 -25.13
N VAL A 153 -20.31 2.47 -23.99
CA VAL A 153 -20.76 3.80 -23.59
C VAL A 153 -19.56 4.74 -23.64
N LYS A 154 -19.64 5.76 -24.49
CA LYS A 154 -18.48 6.57 -24.84
C LYS A 154 -18.83 8.06 -24.82
N GLY A 155 -17.88 8.86 -24.36
CA GLY A 155 -17.96 10.30 -24.50
C GLY A 155 -18.93 11.03 -23.60
N TYR A 156 -19.01 10.62 -22.32
CA TYR A 156 -19.91 11.27 -21.38
C TYR A 156 -19.13 11.86 -20.22
N PHE A 157 -19.77 12.80 -19.52
CA PHE A 157 -19.23 13.43 -18.32
C PHE A 157 -20.38 14.12 -17.61
N PRO A 158 -20.45 14.04 -16.28
CA PRO A 158 -19.57 13.33 -15.36
C PRO A 158 -20.10 11.95 -14.98
N GLU A 159 -19.43 11.27 -14.05
CA GLU A 159 -19.96 10.04 -13.49
C GLU A 159 -21.18 10.36 -12.62
N PRO A 160 -22.05 9.37 -12.37
CA PRO A 160 -22.00 7.96 -12.77
C PRO A 160 -22.92 7.61 -13.94
N VAL A 161 -22.78 6.38 -14.44
CA VAL A 161 -23.65 5.82 -15.47
C VAL A 161 -24.02 4.40 -15.05
N THR A 162 -25.32 4.10 -15.04
CA THR A 162 -25.82 2.79 -14.68
C THR A 162 -26.26 2.04 -15.93
N VAL A 163 -26.03 0.72 -15.95
CA VAL A 163 -26.33 -0.12 -17.10
C VAL A 163 -27.12 -1.33 -16.61
N THR A 164 -28.23 -1.62 -17.29
CA THR A 164 -29.00 -2.83 -17.08
C THR A 164 -29.18 -3.53 -18.43
N TRP A 165 -29.62 -4.78 -18.36
CA TRP A 165 -29.89 -5.57 -19.56
C TRP A 165 -31.32 -6.09 -19.50
N ASN A 166 -32.09 -5.81 -20.55
CA ASN A 166 -33.51 -6.19 -20.63
C ASN A 166 -34.28 -5.63 -19.44
N SER A 167 -34.04 -4.36 -19.14
CA SER A 167 -34.74 -3.64 -18.05
C SER A 167 -34.60 -4.34 -16.71
N GLY A 168 -33.45 -4.96 -16.43
CA GLY A 168 -33.25 -5.62 -15.15
C GLY A 168 -33.56 -7.11 -15.13
N SER A 169 -34.33 -7.62 -16.10
CA SER A 169 -34.69 -9.03 -16.11
C SER A 169 -33.54 -9.94 -16.52
N LEU A 170 -32.48 -9.40 -17.11
CA LEU A 170 -31.30 -10.16 -17.51
C LEU A 170 -30.14 -9.72 -16.63
N SER A 171 -29.83 -10.52 -15.61
CA SER A 171 -28.79 -10.18 -14.65
C SER A 171 -27.68 -11.22 -14.55
N SER A 172 -27.91 -12.46 -14.96
CA SER A 172 -26.89 -13.49 -14.86
C SER A 172 -25.90 -13.36 -16.02
N GLY A 173 -24.61 -13.42 -15.69
CA GLY A 173 -23.57 -13.33 -16.70
C GLY A 173 -23.32 -11.93 -17.20
N VAL A 174 -23.56 -10.91 -16.38
CA VAL A 174 -23.37 -9.52 -16.77
C VAL A 174 -22.11 -9.00 -16.08
N HIS A 175 -21.22 -8.40 -16.87
CA HIS A 175 -19.99 -7.78 -16.36
C HIS A 175 -19.98 -6.33 -16.80
N THR A 176 -20.18 -5.41 -15.86
CA THR A 176 -20.16 -3.98 -16.12
C THR A 176 -18.85 -3.42 -15.59
N PHE A 177 -18.01 -2.93 -16.50
CA PHE A 177 -16.66 -2.52 -16.12
C PHE A 177 -16.66 -1.06 -15.67
N PRO A 178 -15.78 -0.69 -14.74
CA PRO A 178 -15.76 0.69 -14.27
C PRO A 178 -15.29 1.65 -15.37
N ALA A 179 -15.74 2.90 -15.26
CA ALA A 179 -15.46 3.90 -16.28
C ALA A 179 -14.00 4.34 -16.23
N VAL A 180 -13.50 4.78 -17.38
CA VAL A 180 -12.14 5.28 -17.52
C VAL A 180 -12.20 6.68 -18.12
N LEU A 181 -11.40 7.59 -17.58
CA LEU A 181 -11.41 8.99 -18.00
C LEU A 181 -10.26 9.24 -18.97
N GLN A 182 -10.55 10.01 -20.02
CA GLN A 182 -9.52 10.43 -20.98
C GLN A 182 -10.00 11.69 -21.67
N SER A 183 -9.22 12.77 -21.57
CA SER A 183 -9.55 14.05 -22.20
C SER A 183 -10.93 14.55 -21.78
N ASP A 184 -11.17 14.53 -20.47
CA ASP A 184 -12.38 15.06 -19.84
C ASP A 184 -13.65 14.32 -20.28
N LEU A 185 -13.51 13.08 -20.73
CA LEU A 185 -14.66 12.27 -21.12
C LEU A 185 -14.45 10.83 -20.65
N TYR A 186 -15.52 10.21 -20.18
CA TYR A 186 -15.47 8.86 -19.66
C TYR A 186 -15.83 7.84 -20.74
N THR A 187 -15.39 6.60 -20.52
CA THR A 187 -15.72 5.48 -21.40
C THR A 187 -16.00 4.26 -20.54
N LEU A 188 -17.12 3.60 -20.79
CA LEU A 188 -17.55 2.45 -20.02
C LEU A 188 -18.09 1.39 -20.97
N SER A 189 -17.96 0.13 -20.56
CA SER A 189 -18.45 -0.99 -21.35
C SER A 189 -19.09 -2.02 -20.44
N SER A 190 -20.02 -2.78 -21.00
CA SER A 190 -20.72 -3.84 -20.29
C SER A 190 -20.85 -5.05 -21.21
N SER A 191 -20.73 -6.25 -20.63
CA SER A 191 -20.81 -7.48 -21.38
C SER A 191 -21.84 -8.42 -20.75
N VAL A 192 -22.44 -9.26 -21.59
CA VAL A 192 -23.41 -10.25 -21.13
C VAL A 192 -23.24 -11.50 -21.98
N THR A 193 -23.37 -12.66 -21.36
CA THR A 193 -23.23 -13.95 -22.04
C THR A 193 -24.54 -14.72 -21.90
N VAL A 194 -25.17 -15.02 -23.04
CA VAL A 194 -26.45 -15.72 -23.05
C VAL A 194 -26.31 -16.97 -23.92
N PRO A 195 -27.15 -17.97 -23.69
CA PRO A 195 -27.12 -19.16 -24.55
C PRO A 195 -27.53 -18.81 -25.98
N SER A 196 -26.90 -19.50 -26.93
CA SER A 196 -27.15 -19.22 -28.34
C SER A 196 -28.57 -19.59 -28.77
N SER A 197 -29.26 -20.42 -27.98
CA SER A 197 -30.65 -20.77 -28.26
C SER A 197 -31.63 -19.70 -27.82
N THR A 198 -31.17 -18.65 -27.14
CA THR A 198 -32.02 -17.56 -26.69
C THR A 198 -31.75 -16.25 -27.42
N TRP A 199 -30.74 -16.21 -28.30
CA TRP A 199 -30.42 -15.02 -29.06
C TRP A 199 -29.86 -15.47 -30.41
N PRO A 200 -30.28 -14.85 -31.52
CA PRO A 200 -31.20 -13.72 -31.62
C PRO A 200 -32.67 -14.13 -31.72
N SER A 201 -33.03 -15.33 -31.27
CA SER A 201 -34.45 -15.72 -31.30
C SER A 201 -35.27 -14.88 -30.33
N GLU A 202 -34.66 -14.41 -29.25
CA GLU A 202 -35.27 -13.47 -28.33
C GLU A 202 -34.39 -12.23 -28.22
N THR A 203 -35.02 -11.09 -27.97
CA THR A 203 -34.32 -9.81 -28.02
C THR A 203 -33.44 -9.64 -26.78
N VAL A 204 -32.32 -8.94 -26.99
CA VAL A 204 -31.39 -8.57 -25.93
C VAL A 204 -31.09 -7.08 -26.08
N THR A 205 -31.41 -6.31 -25.05
CA THR A 205 -31.28 -4.85 -25.10
C THR A 205 -30.60 -4.35 -23.83
N CYS A 206 -29.64 -3.45 -24.01
CA CYS A 206 -28.97 -2.80 -22.88
C CYS A 206 -29.58 -1.43 -22.66
N ASN A 207 -29.72 -1.06 -21.39
CA ASN A 207 -30.28 0.24 -21.01
C ASN A 207 -29.22 1.04 -20.26
N VAL A 208 -29.01 2.27 -20.69
CA VAL A 208 -27.96 3.14 -20.14
C VAL A 208 -28.62 4.40 -19.60
N ALA A 209 -28.29 4.75 -18.36
CA ALA A 209 -28.83 5.94 -17.72
C ALA A 209 -27.69 6.88 -17.34
N HIS A 210 -27.86 8.16 -17.64
CA HIS A 210 -26.91 9.21 -17.27
C HIS A 210 -27.72 10.37 -16.69
N PRO A 211 -28.01 10.33 -15.40
CA PRO A 211 -28.92 11.33 -14.82
C PRO A 211 -28.40 12.76 -14.90
N ALA A 212 -27.08 12.95 -14.98
CA ALA A 212 -26.53 14.30 -15.04
C ALA A 212 -26.98 15.05 -16.29
N SER A 213 -27.38 14.33 -17.34
CA SER A 213 -27.87 14.96 -18.56
C SER A 213 -29.27 14.48 -18.93
N SER A 214 -29.97 13.80 -18.01
CA SER A 214 -31.31 13.28 -18.25
C SER A 214 -31.35 12.37 -19.48
N THR A 215 -30.38 11.46 -19.54
CA THR A 215 -30.23 10.53 -20.66
C THR A 215 -30.64 9.14 -20.23
N LYS A 216 -31.40 8.46 -21.10
CA LYS A 216 -31.83 7.08 -20.84
C LYS A 216 -32.00 6.42 -22.20
N VAL A 217 -30.98 5.66 -22.62
CA VAL A 217 -30.91 5.08 -23.95
C VAL A 217 -31.16 3.58 -23.87
N ASP A 218 -31.95 3.07 -24.81
CA ASP A 218 -32.09 1.64 -25.05
C ASP A 218 -31.43 1.29 -26.37
N LYS A 219 -30.65 0.21 -26.38
CA LYS A 219 -29.93 -0.23 -27.57
C LYS A 219 -30.15 -1.71 -27.76
N LYS A 220 -30.88 -2.08 -28.82
CA LYS A 220 -31.12 -3.48 -29.14
C LYS A 220 -29.92 -4.05 -29.88
N ILE A 221 -29.47 -5.23 -29.45
CA ILE A 221 -28.34 -5.91 -30.06
C ILE A 221 -28.88 -6.82 -31.16
N VAL A 222 -28.56 -6.49 -32.41
CA VAL A 222 -29.00 -7.27 -33.56
C VAL A 222 -27.80 -8.00 -34.15
N PRO A 223 -27.99 -9.19 -34.72
CA PRO A 223 -26.87 -9.92 -35.31
C PRO A 223 -26.36 -9.25 -36.58
N ARG A 224 -25.10 -9.51 -36.89
CA ARG A 224 -24.42 -8.93 -38.03
C ARG A 224 -24.28 -9.94 -39.15
N ASP A 225 -24.14 -9.43 -40.38
CA ASP A 225 -23.89 -10.29 -41.52
C ASP A 225 -22.41 -10.67 -41.63
N CYS A 226 -21.52 -9.81 -41.14
CA CYS A 226 -20.09 -10.10 -41.16
C CYS A 226 -19.38 -9.38 -40.01
N GLU B 3 32.35 2.13 -12.17
CA GLU B 3 33.35 3.01 -11.57
C GLU B 3 32.71 4.31 -11.08
N VAL B 4 31.43 4.47 -11.37
CA VAL B 4 30.69 5.64 -10.88
C VAL B 4 30.44 5.46 -9.38
N LYS B 5 30.89 6.45 -8.59
CA LYS B 5 30.79 6.38 -7.14
C LYS B 5 30.23 7.70 -6.60
N LEU B 6 29.32 7.58 -5.63
CA LEU B 6 28.74 8.72 -4.95
C LEU B 6 28.68 8.42 -3.46
N VAL B 7 29.27 9.30 -2.65
CA VAL B 7 29.35 9.10 -1.21
C VAL B 7 28.78 10.32 -0.51
N GLU B 8 27.70 10.12 0.25
CA GLU B 8 27.08 11.20 1.01
C GLU B 8 27.62 11.25 2.44
N SER B 9 27.51 12.41 3.05
CA SER B 9 27.92 12.61 4.44
C SER B 9 27.30 13.89 4.96
N GLY B 10 27.30 14.03 6.28
CA GLY B 10 26.76 15.21 6.94
C GLY B 10 25.52 14.95 7.77
N GLY B 11 24.97 13.74 7.73
CA GLY B 11 23.79 13.41 8.50
C GLY B 11 24.11 13.11 9.95
N GLY B 12 23.04 12.83 10.71
CA GLY B 12 23.19 12.51 12.11
C GLY B 12 22.07 13.08 12.97
N LEU B 13 22.36 13.33 14.24
CA LEU B 13 21.37 13.86 15.16
C LEU B 13 21.47 15.39 15.22
N VAL B 14 20.35 16.06 15.01
CA VAL B 14 20.30 17.52 15.00
C VAL B 14 18.99 17.97 15.61
N GLN B 15 18.99 19.17 16.21
CA GLN B 15 17.79 19.68 16.87
C GLN B 15 16.90 20.44 15.88
N PRO B 16 15.59 20.45 16.12
CA PRO B 16 14.70 21.26 15.28
C PRO B 16 15.09 22.73 15.33
N GLY B 17 14.91 23.41 14.19
CA GLY B 17 15.24 24.81 14.07
C GLY B 17 16.67 25.10 13.64
N GLY B 18 17.53 24.10 13.61
CA GLY B 18 18.90 24.28 13.18
C GLY B 18 19.05 24.21 11.67
N SER B 19 20.31 24.13 11.24
CA SER B 19 20.64 24.05 9.83
C SER B 19 21.83 23.13 9.63
N LEU B 20 21.84 22.42 8.51
CA LEU B 20 22.91 21.50 8.17
C LEU B 20 23.19 21.58 6.67
N ARG B 21 24.40 21.16 6.30
CA ARG B 21 24.81 21.10 4.90
C ARG B 21 25.27 19.68 4.59
N LEU B 22 24.50 18.95 3.80
CA LEU B 22 24.90 17.63 3.36
C LEU B 22 25.79 17.72 2.14
N SER B 23 26.73 16.79 2.03
CA SER B 23 27.70 16.78 0.95
C SER B 23 27.68 15.43 0.24
N CYS B 24 28.07 15.45 -1.03
CA CYS B 24 28.14 14.24 -1.85
C CYS B 24 29.41 14.32 -2.69
N VAL B 25 30.36 13.43 -2.42
CA VAL B 25 31.62 13.38 -3.17
C VAL B 25 31.47 12.38 -4.31
N THR B 26 31.81 12.81 -5.53
CA THR B 26 31.64 12.01 -6.73
C THR B 26 33.00 11.63 -7.31
N SER B 27 32.97 10.59 -8.15
CA SER B 27 34.17 10.11 -8.83
C SER B 27 33.76 9.20 -9.97
N GLY B 28 34.66 9.03 -10.93
CA GLY B 28 34.44 8.14 -12.05
C GLY B 28 33.77 8.75 -13.26
N PHE B 29 33.47 10.05 -13.22
CA PHE B 29 32.82 10.71 -14.34
C PHE B 29 33.05 12.21 -14.23
N THR B 30 32.98 12.89 -15.38
CA THR B 30 33.15 14.34 -15.42
C THR B 30 31.99 15.00 -14.68
N PHE B 31 32.29 15.67 -13.57
CA PHE B 31 31.25 16.17 -12.67
C PHE B 31 30.42 17.27 -13.34
N THR B 32 31.06 18.16 -14.10
CA THR B 32 30.40 19.31 -14.70
C THR B 32 29.53 18.96 -15.89
N ASP B 33 29.51 17.70 -16.33
CA ASP B 33 28.82 17.32 -17.55
C ASP B 33 27.44 16.72 -17.32
N TYR B 34 27.05 16.47 -16.06
CA TYR B 34 25.82 15.75 -15.76
C TYR B 34 24.96 16.54 -14.77
N TYR B 35 23.65 16.38 -14.91
CA TYR B 35 22.72 16.85 -13.89
C TYR B 35 22.97 16.09 -12.59
N MET B 36 22.82 16.77 -11.47
CA MET B 36 22.93 16.17 -10.15
C MET B 36 21.71 16.52 -9.32
N SER B 37 21.29 15.61 -8.44
CA SER B 37 20.05 15.77 -7.71
C SER B 37 20.16 15.21 -6.30
N TRP B 38 19.19 15.57 -5.47
CA TRP B 38 19.04 15.05 -4.12
C TRP B 38 17.64 14.47 -3.95
N VAL B 39 17.56 13.28 -3.36
CA VAL B 39 16.30 12.61 -3.07
C VAL B 39 16.32 12.13 -1.63
N ARG B 40 15.17 12.20 -0.96
CA ARG B 40 15.05 11.76 0.42
C ARG B 40 14.08 10.59 0.51
N GLN B 41 14.33 9.71 1.48
CA GLN B 41 13.49 8.54 1.73
C GLN B 41 13.12 8.50 3.20
N PRO B 42 11.96 9.04 3.57
CA PRO B 42 11.53 8.98 4.96
C PRO B 42 11.14 7.56 5.35
N PRO B 43 11.19 7.23 6.64
CA PRO B 43 10.87 5.85 7.06
C PRO B 43 9.43 5.49 6.74
N GLY B 44 9.26 4.37 6.03
CA GLY B 44 7.93 3.88 5.72
C GLY B 44 7.15 4.72 4.74
N LYS B 45 7.82 5.60 3.98
CA LYS B 45 7.16 6.42 2.98
C LYS B 45 7.91 6.33 1.66
N ALA B 46 7.29 6.87 0.62
CA ALA B 46 7.86 6.82 -0.72
C ALA B 46 8.95 7.87 -0.87
N LEU B 47 9.82 7.64 -1.85
CA LEU B 47 10.89 8.58 -2.13
C LEU B 47 10.33 9.91 -2.61
N GLU B 48 11.02 10.99 -2.24
CA GLU B 48 10.59 12.35 -2.56
C GLU B 48 11.75 13.11 -3.17
N TRP B 49 11.61 13.48 -4.44
CA TRP B 49 12.62 14.31 -5.09
C TRP B 49 12.59 15.71 -4.51
N LEU B 50 13.78 16.25 -4.22
CA LEU B 50 13.92 17.56 -3.61
C LEU B 50 14.38 18.63 -4.59
N ALA B 51 15.45 18.37 -5.35
CA ALA B 51 15.98 19.36 -6.28
C ALA B 51 16.98 18.69 -7.20
N PHE B 52 17.25 19.35 -8.32
CA PHE B 52 18.38 18.99 -9.17
C PHE B 52 18.99 20.26 -9.74
N ILE B 53 20.24 20.13 -10.20
CA ILE B 53 20.98 21.24 -10.79
C ILE B 53 21.57 20.78 -12.10
N ARG B 54 21.50 21.63 -13.13
CA ARG B 54 21.90 21.25 -14.46
C ARG B 54 23.41 21.33 -14.64
N ASN B 55 23.87 20.88 -15.80
CA ASN B 55 25.30 20.82 -16.09
C ASN B 55 25.80 22.17 -16.60
N LYS B 56 27.08 22.18 -17.00
CA LYS B 56 27.71 23.43 -17.43
C LYS B 56 27.11 23.96 -18.73
N VAL B 57 26.71 23.05 -19.62
CA VAL B 57 26.14 23.47 -20.90
C VAL B 57 24.85 24.26 -20.68
N ASN B 58 24.06 23.86 -19.69
CA ASN B 58 22.79 24.52 -19.39
C ASN B 58 22.92 25.60 -18.32
N GLY B 59 24.13 26.03 -18.00
CA GLY B 59 24.32 27.16 -17.10
C GLY B 59 24.10 26.87 -15.63
N TYR B 60 24.14 25.61 -15.22
CA TYR B 60 24.04 25.22 -13.80
C TYR B 60 22.73 25.70 -13.17
N THR B 61 21.67 25.79 -13.95
CA THR B 61 20.39 26.23 -13.41
C THR B 61 19.79 25.14 -12.53
N THR B 62 18.92 25.57 -11.61
CA THR B 62 18.35 24.69 -10.60
C THR B 62 16.84 24.58 -10.77
N GLU B 63 16.30 23.49 -10.23
CA GLU B 63 14.85 23.27 -10.16
C GLU B 63 14.54 22.66 -8.81
N TYR B 64 13.50 23.17 -8.15
CA TYR B 64 13.19 22.78 -6.78
C TYR B 64 11.77 22.25 -6.68
N ARG B 65 11.57 21.32 -5.75
CA ARG B 65 10.23 20.89 -5.38
C ARG B 65 9.49 22.04 -4.72
N ALA B 66 8.34 22.43 -5.29
CA ALA B 66 7.64 23.61 -4.80
C ALA B 66 7.09 23.42 -3.39
N SER B 67 6.81 22.17 -2.99
CA SER B 67 6.25 21.92 -1.68
C SER B 67 7.24 22.22 -0.55
N VAL B 68 8.54 22.30 -0.87
CA VAL B 68 9.56 22.49 0.15
C VAL B 68 9.94 23.96 0.35
N LYS B 69 9.43 24.87 -0.48
CA LYS B 69 9.77 26.29 -0.48
C LYS B 69 11.26 26.47 -0.72
N GLY B 70 11.78 27.70 -0.61
CA GLY B 70 13.20 27.91 -0.74
C GLY B 70 14.01 27.43 0.46
N ARG B 71 13.45 26.47 1.21
CA ARG B 71 14.10 26.00 2.43
C ARG B 71 15.36 25.21 2.14
N PHE B 72 15.43 24.53 1.00
CA PHE B 72 16.59 23.76 0.61
C PHE B 72 17.30 24.44 -0.55
N THR B 73 18.63 24.31 -0.57
CA THR B 73 19.46 24.91 -1.60
C THR B 73 20.49 23.90 -2.06
N ILE B 74 20.48 23.58 -3.36
CA ILE B 74 21.45 22.69 -3.97
C ILE B 74 22.54 23.53 -4.62
N SER B 75 23.78 23.05 -4.57
CA SER B 75 24.90 23.82 -5.10
C SER B 75 26.04 22.88 -5.46
N ARG B 76 26.96 23.42 -6.25
CA ARG B 76 28.15 22.70 -6.69
C ARG B 76 29.40 23.36 -6.11
N ASP B 77 30.40 22.54 -5.81
CA ASP B 77 31.68 23.09 -5.40
C ASP B 77 32.40 23.73 -6.59
N SER B 78 33.14 24.80 -6.31
CA SER B 78 33.74 25.59 -7.39
C SER B 78 34.92 24.88 -8.03
N SER B 79 35.64 24.04 -7.29
CA SER B 79 36.83 23.40 -7.82
C SER B 79 36.92 21.90 -7.54
N GLN B 80 35.96 21.32 -6.82
CA GLN B 80 35.98 19.91 -6.50
C GLN B 80 34.67 19.26 -6.91
N SER B 81 34.72 17.95 -7.12
CA SER B 81 33.57 17.18 -7.57
C SER B 81 32.66 16.83 -6.39
N ILE B 82 32.14 17.86 -5.74
CA ILE B 82 31.31 17.73 -4.55
C ILE B 82 30.01 18.48 -4.76
N LEU B 83 28.90 17.86 -4.35
CA LEU B 83 27.57 18.45 -4.42
C LEU B 83 27.05 18.68 -3.02
N TYR B 84 26.39 19.83 -2.81
CA TYR B 84 25.93 20.23 -1.49
C TYR B 84 24.42 20.37 -1.47
N LEU B 85 23.84 20.23 -0.27
CA LEU B 85 22.42 20.46 -0.04
C LEU B 85 22.28 21.16 1.31
N GLN B 86 21.94 22.44 1.28
CA GLN B 86 21.73 23.21 2.50
C GLN B 86 20.30 23.02 2.98
N VAL B 87 20.15 22.58 4.23
CA VAL B 87 18.85 22.31 4.83
C VAL B 87 18.64 23.28 5.98
N ASN B 88 17.63 24.14 5.86
CA ASN B 88 17.36 25.18 6.83
C ASN B 88 16.06 24.89 7.56
N THR B 89 15.95 25.45 8.77
CA THR B 89 14.76 25.32 9.62
C THR B 89 14.32 23.86 9.74
N LEU B 90 15.23 23.06 10.31
CA LEU B 90 14.98 21.63 10.44
C LEU B 90 13.79 21.37 11.36
N ARG B 91 12.97 20.39 11.01
CA ARG B 91 11.89 19.92 11.85
C ARG B 91 11.88 18.40 11.83
N ALA B 92 11.06 17.82 12.72
CA ALA B 92 11.04 16.37 12.86
C ALA B 92 10.61 15.67 11.58
N GLU B 93 9.85 16.35 10.73
CA GLU B 93 9.40 15.76 9.47
C GLU B 93 10.53 15.59 8.46
N ASP B 94 11.69 16.22 8.68
CA ASP B 94 12.82 16.12 7.77
C ASP B 94 13.66 14.88 8.01
N SER B 95 13.41 14.12 9.07
CA SER B 95 14.19 12.93 9.36
C SER B 95 13.99 11.88 8.27
N ALA B 96 15.06 11.56 7.56
CA ALA B 96 14.99 10.63 6.43
C ALA B 96 16.40 10.24 6.04
N THR B 97 16.50 9.30 5.11
CA THR B 97 17.74 8.98 4.43
C THR B 97 17.83 9.83 3.17
N TYR B 98 18.87 10.65 3.08
CA TYR B 98 19.03 11.58 1.97
C TYR B 98 20.00 11.00 0.95
N TYR B 99 19.56 10.91 -0.30
CA TYR B 99 20.30 10.25 -1.37
C TYR B 99 20.80 11.29 -2.36
N CYS B 100 22.07 11.18 -2.73
CA CYS B 100 22.65 11.94 -3.83
C CYS B 100 22.68 11.06 -5.07
N ALA B 101 22.33 11.64 -6.22
CA ALA B 101 22.16 10.84 -7.43
C ALA B 101 22.57 11.64 -8.66
N ARG B 102 23.09 10.92 -9.65
CA ARG B 102 23.40 11.49 -10.95
C ARG B 102 22.24 11.24 -11.91
N ASP B 103 21.90 12.26 -12.69
CA ASP B 103 20.71 12.24 -13.52
C ASP B 103 21.07 12.07 -15.00
N ARG B 104 20.12 11.52 -15.74
CA ARG B 104 20.23 11.40 -17.19
C ARG B 104 18.90 11.81 -17.80
N GLY B 105 18.88 11.88 -19.14
CA GLY B 105 17.68 12.21 -19.86
C GLY B 105 17.41 13.68 -20.07
N GLY B 106 18.38 14.55 -19.81
CA GLY B 106 18.16 15.97 -20.01
C GLY B 106 17.15 16.51 -19.02
N ASN B 107 16.15 17.23 -19.54
CA ASN B 107 15.09 17.75 -18.69
C ASN B 107 14.10 16.67 -18.25
N GLY B 108 14.03 15.56 -18.97
CA GLY B 108 13.30 14.40 -18.51
C GLY B 108 14.14 13.61 -17.54
N VAL B 109 14.19 14.05 -16.29
CA VAL B 109 15.20 13.61 -15.34
C VAL B 109 14.84 12.24 -14.77
N TYR B 110 15.71 11.27 -14.95
CA TYR B 110 15.71 10.04 -14.19
C TYR B 110 17.09 9.85 -13.58
N PHE B 111 17.19 8.93 -12.62
CA PHE B 111 18.37 8.81 -11.76
C PHE B 111 19.06 7.49 -12.07
N ASP B 112 20.18 7.55 -12.79
CA ASP B 112 20.83 6.34 -13.27
C ASP B 112 21.91 5.82 -12.33
N TYR B 113 22.31 6.59 -11.31
CA TYR B 113 23.25 6.10 -10.31
C TYR B 113 23.01 6.82 -8.99
N TRP B 114 22.90 6.05 -7.92
CA TRP B 114 22.59 6.56 -6.60
C TRP B 114 23.76 6.32 -5.64
N GLY B 115 23.91 7.21 -4.67
CA GLY B 115 24.87 7.01 -3.61
C GLY B 115 24.31 6.17 -2.47
N GLN B 116 25.19 5.83 -1.53
CA GLN B 116 24.78 4.98 -0.42
C GLN B 116 23.83 5.69 0.54
N GLY B 117 23.88 7.02 0.61
CA GLY B 117 22.93 7.75 1.42
C GLY B 117 23.43 8.02 2.83
N THR B 118 22.97 9.13 3.39
CA THR B 118 23.24 9.49 4.77
C THR B 118 21.91 9.75 5.48
N THR B 119 21.82 9.29 6.73
CA THR B 119 20.57 9.32 7.48
C THR B 119 20.55 10.53 8.41
N LEU B 120 19.42 11.22 8.44
CA LEU B 120 19.22 12.40 9.27
C LEU B 120 18.19 12.11 10.35
N THR B 121 18.49 12.55 11.57
CA THR B 121 17.59 12.39 12.71
C THR B 121 17.38 13.75 13.36
N VAL B 122 16.22 14.35 13.14
CA VAL B 122 15.88 15.65 13.71
C VAL B 122 15.04 15.38 14.95
N SER B 123 15.67 15.50 16.12
CA SER B 123 14.98 15.25 17.38
C SER B 123 15.68 16.04 18.48
N SER B 124 14.88 16.47 19.47
CA SER B 124 15.41 17.15 20.64
C SER B 124 15.82 16.17 21.74
N ALA B 125 15.78 14.88 21.49
CA ALA B 125 16.17 13.90 22.49
C ALA B 125 17.69 13.89 22.66
N LYS B 126 18.13 13.36 23.80
CA LYS B 126 19.54 13.37 24.17
C LYS B 126 20.20 12.05 23.78
N THR B 127 21.45 12.14 23.33
CA THR B 127 22.24 10.95 23.03
C THR B 127 22.44 10.12 24.29
N THR B 128 22.24 8.80 24.17
CA THR B 128 22.33 7.89 25.30
C THR B 128 23.04 6.62 24.88
N PRO B 129 24.05 6.17 25.62
CA PRO B 129 24.73 4.92 25.27
C PRO B 129 23.84 3.72 25.59
N PRO B 130 24.09 2.58 24.95
CA PRO B 130 23.26 1.40 25.18
C PRO B 130 23.76 0.53 26.34
N SER B 131 22.86 -0.31 26.82
CA SER B 131 23.18 -1.37 27.76
C SER B 131 23.02 -2.72 27.07
N VAL B 132 24.02 -3.59 27.23
CA VAL B 132 24.07 -4.87 26.53
C VAL B 132 23.98 -5.98 27.54
N TYR B 133 22.99 -6.87 27.36
CA TYR B 133 22.74 -7.96 28.28
C TYR B 133 22.86 -9.30 27.55
N PRO B 134 23.51 -10.28 28.16
CA PRO B 134 23.59 -11.61 27.54
C PRO B 134 22.30 -12.38 27.69
N LEU B 135 22.06 -13.27 26.73
CA LEU B 135 20.86 -14.11 26.72
C LEU B 135 21.32 -15.57 26.65
N ALA B 136 21.27 -16.26 27.77
CA ALA B 136 21.70 -17.65 27.86
C ALA B 136 20.53 -18.56 28.19
N PRO B 137 20.52 -19.79 27.67
CA PRO B 137 19.41 -20.69 27.95
C PRO B 137 19.44 -21.20 29.38
N GLY B 138 18.27 -21.59 29.88
CA GLY B 138 18.15 -22.10 31.23
C GLY B 138 17.67 -23.54 31.28
N SER B 145 21.04 -30.65 20.46
CA SER B 145 21.91 -30.73 19.29
C SER B 145 22.39 -29.34 18.89
N MET B 146 21.45 -28.41 18.76
CA MET B 146 21.75 -27.02 18.46
C MET B 146 21.24 -26.15 19.59
N VAL B 147 21.97 -25.07 19.88
CA VAL B 147 21.60 -24.14 20.94
C VAL B 147 21.51 -22.73 20.35
N THR B 148 20.67 -21.91 20.99
CA THR B 148 20.46 -20.54 20.56
C THR B 148 20.84 -19.58 21.68
N LEU B 149 21.73 -18.64 21.37
CA LEU B 149 22.14 -17.59 22.29
C LEU B 149 21.67 -16.24 21.75
N GLY B 150 21.96 -15.18 22.48
CA GLY B 150 21.53 -13.87 22.02
C GLY B 150 22.10 -12.76 22.87
N CYS B 151 21.88 -11.54 22.40
CA CYS B 151 22.28 -10.32 23.10
C CYS B 151 21.15 -9.30 23.00
N LEU B 152 20.98 -8.52 24.06
CA LEU B 152 19.91 -7.54 24.15
C LEU B 152 20.52 -6.15 24.32
N VAL B 153 20.17 -5.24 23.43
CA VAL B 153 20.69 -3.87 23.44
C VAL B 153 19.51 -2.95 23.76
N LYS B 154 19.55 -2.35 24.95
CA LYS B 154 18.43 -1.61 25.49
C LYS B 154 18.81 -0.16 25.80
N GLY B 155 17.88 0.76 25.50
CA GLY B 155 17.97 2.14 25.94
C GLY B 155 19.09 2.97 25.36
N TYR B 156 19.15 3.07 24.04
CA TYR B 156 20.14 3.91 23.39
C TYR B 156 19.46 4.89 22.45
N PHE B 157 20.20 5.94 22.07
CA PHE B 157 19.70 6.96 21.17
C PHE B 157 20.89 7.75 20.65
N PRO B 158 20.95 8.05 19.36
CA PRO B 158 20.02 7.65 18.31
C PRO B 158 20.51 6.43 17.54
N GLU B 159 19.84 6.10 16.43
CA GLU B 159 20.31 5.04 15.56
C GLU B 159 21.57 5.50 14.82
N PRO B 160 22.37 4.57 14.28
CA PRO B 160 22.22 3.11 14.26
C PRO B 160 23.08 2.38 15.28
N VAL B 161 22.95 1.05 15.33
CA VAL B 161 23.76 0.20 16.17
C VAL B 161 24.14 -1.04 15.37
N THR B 162 25.42 -1.39 15.39
CA THR B 162 25.94 -2.55 14.66
C THR B 162 26.26 -3.67 15.63
N VAL B 163 25.93 -4.89 15.25
CA VAL B 163 26.16 -6.07 16.07
C VAL B 163 26.88 -7.12 15.25
N THR B 164 27.97 -7.65 15.79
CA THR B 164 28.68 -8.79 15.23
C THR B 164 28.85 -9.85 16.31
N TRP B 165 29.20 -11.07 15.88
CA TRP B 165 29.41 -12.19 16.78
C TRP B 165 30.82 -12.72 16.60
N ASN B 166 31.56 -12.80 17.70
CA ASN B 166 32.96 -13.25 17.70
C ASN B 166 33.80 -12.39 16.75
N SER B 167 33.56 -11.08 16.76
CA SER B 167 34.31 -10.12 15.95
C SER B 167 34.22 -10.45 14.47
N GLY B 168 33.05 -10.89 14.02
CA GLY B 168 32.80 -11.17 12.63
C GLY B 168 33.05 -12.60 12.19
N SER B 169 33.80 -13.38 12.97
CA SER B 169 34.09 -14.75 12.59
C SER B 169 32.91 -15.68 12.74
N LEU B 170 31.84 -15.25 13.42
CA LEU B 170 30.63 -16.03 13.60
C LEU B 170 29.48 -15.30 12.92
N SER B 171 29.15 -15.71 11.70
CA SER B 171 28.10 -15.06 10.92
C SER B 171 27.01 -16.01 10.45
N SER B 172 27.29 -17.31 10.36
CA SER B 172 26.28 -18.27 9.92
C SER B 172 25.25 -18.48 11.03
N GLY B 173 23.99 -18.23 10.71
CA GLY B 173 22.93 -18.42 11.68
C GLY B 173 22.73 -17.27 12.64
N VAL B 174 22.90 -16.04 12.17
CA VAL B 174 22.75 -14.85 13.00
C VAL B 174 21.50 -14.10 12.54
N HIS B 175 20.68 -13.69 13.49
CA HIS B 175 19.47 -12.92 13.22
C HIS B 175 19.50 -11.65 14.06
N THR B 176 19.76 -10.51 13.42
CA THR B 176 19.77 -9.22 14.08
C THR B 176 18.50 -8.47 13.69
N PHE B 177 17.68 -8.16 14.69
CA PHE B 177 16.34 -7.59 14.52
C PHE B 177 16.40 -6.06 14.54
N PRO B 178 15.55 -5.40 13.75
CA PRO B 178 15.56 -3.94 13.70
C PRO B 178 15.15 -3.32 15.02
N ALA B 179 15.63 -2.10 15.23
CA ALA B 179 15.37 -1.40 16.49
C ALA B 179 13.93 -0.94 16.58
N VAL B 180 13.45 -0.82 17.82
CA VAL B 180 12.09 -0.35 18.11
C VAL B 180 12.21 0.82 19.09
N LEU B 181 11.48 1.90 18.80
CA LEU B 181 11.54 3.11 19.61
C LEU B 181 10.36 3.16 20.57
N GLN B 182 10.64 3.42 21.84
CA GLN B 182 9.60 3.68 22.83
C GLN B 182 10.17 4.58 23.91
N SER B 183 9.44 5.65 24.23
CA SER B 183 9.86 6.63 25.23
C SER B 183 11.23 7.22 24.89
N ASP B 184 11.41 7.56 23.61
CA ASP B 184 12.62 8.21 23.10
C ASP B 184 13.88 7.38 23.30
N LEU B 185 13.73 6.05 23.43
CA LEU B 185 14.87 5.15 23.56
C LEU B 185 14.65 3.93 22.68
N TYR B 186 15.72 3.44 22.08
CA TYR B 186 15.66 2.32 21.15
C TYR B 186 15.99 1.01 21.87
N THR B 187 15.52 -0.08 21.29
CA THR B 187 15.78 -1.42 21.81
C THR B 187 16.02 -2.37 20.64
N LEU B 188 17.12 -3.11 20.70
CA LEU B 188 17.51 -4.03 19.65
C LEU B 188 17.93 -5.36 20.26
N SER B 189 17.77 -6.43 19.50
CA SER B 189 18.18 -7.75 19.92
C SER B 189 18.76 -8.51 18.74
N SER B 190 19.64 -9.47 19.04
CA SER B 190 20.27 -10.30 18.02
C SER B 190 20.43 -11.71 18.56
N SER B 191 20.15 -12.69 17.71
CA SER B 191 20.24 -14.10 18.09
C SER B 191 21.22 -14.84 17.20
N VAL B 192 21.83 -15.89 17.74
CA VAL B 192 22.76 -16.74 17.00
C VAL B 192 22.51 -18.18 17.40
N THR B 193 22.60 -19.08 16.42
CA THR B 193 22.39 -20.51 16.64
C THR B 193 23.66 -21.27 16.29
N VAL B 194 24.16 -22.05 17.23
CA VAL B 194 25.42 -22.79 17.07
C VAL B 194 25.22 -24.21 17.56
N PRO B 195 26.02 -25.15 17.04
CA PRO B 195 25.94 -26.53 17.52
C PRO B 195 26.29 -26.63 19.00
N SER B 196 25.62 -27.58 19.68
CA SER B 196 25.83 -27.75 21.11
C SER B 196 27.22 -28.30 21.44
N SER B 197 27.89 -28.91 20.48
CA SER B 197 29.25 -29.41 20.69
C SER B 197 30.31 -28.33 20.59
N THR B 198 29.93 -27.09 20.27
CA THR B 198 30.85 -25.98 20.17
C THR B 198 30.63 -24.93 21.26
N TRP B 199 29.61 -25.10 22.10
CA TRP B 199 29.33 -24.17 23.19
C TRP B 199 28.75 -24.99 24.33
N PRO B 200 29.20 -24.75 25.57
CA PRO B 200 30.17 -23.73 26.01
C PRO B 200 31.62 -24.19 25.91
N SER B 201 31.93 -25.19 25.09
CA SER B 201 33.31 -25.62 24.93
C SER B 201 34.17 -24.53 24.33
N GLU B 202 33.61 -23.79 23.38
CA GLU B 202 34.28 -22.64 22.77
C GLU B 202 33.48 -21.37 23.05
N THR B 203 34.19 -20.28 23.23
CA THR B 203 33.58 -19.03 23.68
C THR B 203 32.77 -18.38 22.56
N VAL B 204 31.67 -17.73 22.96
CA VAL B 204 30.80 -17.00 22.04
C VAL B 204 30.56 -15.63 22.63
N THR B 205 30.90 -14.59 21.87
CA THR B 205 30.78 -13.21 22.32
C THR B 205 30.05 -12.39 21.27
N CYS B 206 29.28 -11.41 21.74
CA CYS B 206 28.61 -10.45 20.88
C CYS B 206 29.24 -9.08 21.05
N ASN B 207 29.42 -8.37 19.93
CA ASN B 207 30.04 -7.05 19.92
C ASN B 207 29.04 -6.04 19.40
N VAL B 208 28.84 -4.96 20.15
CA VAL B 208 27.86 -3.94 19.84
C VAL B 208 28.56 -2.59 19.71
N ALA B 209 28.30 -1.89 18.62
CA ALA B 209 28.89 -0.58 18.35
C ALA B 209 27.80 0.46 18.27
N HIS B 210 28.01 1.60 18.94
CA HIS B 210 27.10 2.74 18.89
C HIS B 210 27.96 3.98 18.70
N PRO B 211 28.27 4.34 17.44
CA PRO B 211 29.24 5.42 17.21
C PRO B 211 28.78 6.77 17.71
N ALA B 212 27.46 7.00 17.84
CA ALA B 212 26.97 8.29 18.30
C ALA B 212 27.40 8.60 19.73
N SER B 213 27.78 7.57 20.50
CA SER B 213 28.26 7.76 21.87
C SER B 213 29.64 7.16 22.07
N SER B 214 30.35 6.80 20.99
CA SER B 214 31.68 6.21 21.07
C SER B 214 31.66 4.93 21.90
N THR B 215 30.65 4.10 21.69
CA THR B 215 30.45 2.87 22.44
C THR B 215 30.77 1.66 21.57
N LYS B 216 31.63 0.78 22.09
CA LYS B 216 31.92 -0.49 21.42
C LYS B 216 32.21 -1.51 22.52
N VAL B 217 31.21 -2.34 22.84
CA VAL B 217 31.27 -3.22 23.99
C VAL B 217 31.19 -4.67 23.54
N ASP B 218 31.79 -5.55 24.34
CA ASP B 218 31.71 -6.99 24.14
C ASP B 218 31.02 -7.62 25.34
N LYS B 219 30.34 -8.74 25.12
CA LYS B 219 29.63 -9.44 26.17
C LYS B 219 29.73 -10.94 25.92
N LYS B 220 30.48 -11.64 26.76
CA LYS B 220 30.62 -13.08 26.63
C LYS B 220 29.37 -13.77 27.17
N ILE B 221 28.92 -14.80 26.44
CA ILE B 221 27.74 -15.56 26.82
C ILE B 221 28.20 -16.74 27.67
N VAL B 222 27.94 -16.67 28.97
CA VAL B 222 28.33 -17.72 29.91
C VAL B 222 27.11 -18.59 30.21
N PRO B 223 27.30 -19.87 30.50
CA PRO B 223 26.15 -20.74 30.81
C PRO B 223 25.60 -20.46 32.20
N ARG B 224 24.30 -20.68 32.35
CA ARG B 224 23.62 -20.44 33.62
C ARG B 224 23.53 -21.74 34.42
N ASP B 225 23.40 -21.60 35.75
CA ASP B 225 23.30 -22.77 36.59
C ASP B 225 21.87 -23.31 36.62
N CYS B 226 20.87 -22.43 36.55
CA CYS B 226 19.48 -22.85 36.48
C CYS B 226 18.77 -22.16 35.31
N ASP C 1 1.43 13.62 12.27
CA ASP C 1 0.41 13.07 13.17
C ASP C 1 0.50 11.56 13.24
N ILE C 2 -0.46 10.93 13.91
CA ILE C 2 -0.47 9.48 14.06
C ILE C 2 -0.90 8.84 12.76
N VAL C 3 -0.11 7.88 12.27
CA VAL C 3 -0.35 7.20 11.01
C VAL C 3 -0.63 5.74 11.29
N MET C 4 -1.75 5.24 10.77
CA MET C 4 -2.12 3.83 10.85
C MET C 4 -1.69 3.16 9.56
N THR C 5 -0.72 2.26 9.65
CA THR C 5 -0.10 1.64 8.47
C THR C 5 -0.54 0.17 8.39
N GLN C 6 -1.34 -0.15 7.38
CA GLN C 6 -1.67 -1.53 7.03
C GLN C 6 -0.72 -1.97 5.93
N SER C 7 0.24 -2.82 6.29
CA SER C 7 1.34 -3.13 5.38
C SER C 7 0.87 -3.82 4.11
N HIS C 8 -0.26 -4.52 4.16
CA HIS C 8 -0.75 -5.30 3.03
C HIS C 8 -1.97 -4.63 2.44
N LYS C 9 -1.93 -4.35 1.14
CA LYS C 9 -3.11 -3.86 0.44
C LYS C 9 -4.00 -5.00 -0.02
N PHE C 10 -3.43 -6.19 -0.22
CA PHE C 10 -4.17 -7.37 -0.63
C PHE C 10 -3.71 -8.56 0.20
N MET C 11 -4.63 -9.48 0.46
CA MET C 11 -4.34 -10.69 1.22
C MET C 11 -5.13 -11.85 0.63
N SER C 12 -4.44 -12.97 0.38
CA SER C 12 -5.03 -14.14 -0.25
C SER C 12 -5.46 -15.14 0.81
N THR C 13 -6.60 -15.78 0.56
CA THR C 13 -7.13 -16.78 1.49
C THR C 13 -8.17 -17.62 0.77
N SER C 14 -8.60 -18.70 1.43
CA SER C 14 -9.63 -19.58 0.92
C SER C 14 -10.78 -19.66 1.92
N VAL C 15 -11.91 -20.16 1.44
CA VAL C 15 -13.10 -20.28 2.29
C VAL C 15 -12.85 -21.35 3.35
N GLY C 16 -13.06 -20.98 4.62
CA GLY C 16 -12.83 -21.88 5.74
C GLY C 16 -11.52 -21.68 6.45
N ASP C 17 -10.64 -20.83 5.93
CA ASP C 17 -9.34 -20.58 6.54
C ASP C 17 -9.44 -19.43 7.53
N ARG C 18 -8.31 -19.08 8.15
CA ARG C 18 -8.22 -18.00 9.11
C ARG C 18 -7.29 -16.92 8.56
N VAL C 19 -7.71 -15.67 8.70
CA VAL C 19 -6.98 -14.52 8.17
C VAL C 19 -6.63 -13.59 9.31
N SER C 20 -5.42 -13.03 9.28
CA SER C 20 -4.97 -12.04 10.24
C SER C 20 -4.55 -10.78 9.49
N ILE C 21 -5.33 -9.72 9.64
CA ILE C 21 -5.03 -8.42 9.02
C ILE C 21 -4.36 -7.55 10.07
N THR C 22 -3.16 -7.07 9.78
CA THR C 22 -2.36 -6.33 10.73
C THR C 22 -2.47 -4.83 10.50
N CYS C 23 -2.25 -4.07 11.57
CA CYS C 23 -2.30 -2.62 11.52
C CYS C 23 -1.31 -2.07 12.53
N LYS C 24 -0.44 -1.18 12.09
CA LYS C 24 0.65 -0.66 12.92
C LYS C 24 0.49 0.84 13.09
N ALA C 25 0.50 1.29 14.35
CA ALA C 25 0.36 2.70 14.67
C ALA C 25 1.72 3.38 14.77
N SER C 26 1.74 4.68 14.46
CA SER C 26 2.98 5.43 14.53
C SER C 26 3.50 5.58 15.95
N GLN C 27 2.60 5.68 16.92
CA GLN C 27 2.98 5.80 18.32
C GLN C 27 1.97 5.04 19.17
N ASP C 28 2.20 5.04 20.48
CA ASP C 28 1.33 4.32 21.41
C ASP C 28 -0.06 4.93 21.43
N VAL C 29 -1.06 4.11 21.11
CA VAL C 29 -2.46 4.51 21.13
C VAL C 29 -3.26 3.69 22.13
N GLY C 30 -2.58 2.89 22.96
CA GLY C 30 -3.24 2.00 23.90
C GLY C 30 -4.13 0.96 23.23
N THR C 31 -5.43 1.02 23.51
CA THR C 31 -6.41 0.16 22.88
C THR C 31 -7.51 0.95 22.18
N ASP C 32 -7.25 2.23 21.89
CA ASP C 32 -8.24 3.10 21.24
C ASP C 32 -8.19 2.87 19.73
N VAL C 33 -8.60 1.68 19.33
CA VAL C 33 -8.54 1.24 17.93
C VAL C 33 -9.88 0.63 17.55
N ALA C 34 -10.35 0.96 16.34
CA ALA C 34 -11.57 0.39 15.78
C ALA C 34 -11.26 -0.25 14.43
N TRP C 35 -12.12 -1.20 14.05
CA TRP C 35 -12.00 -1.89 12.78
C TRP C 35 -13.31 -1.78 12.01
N TYR C 36 -13.22 -1.66 10.69
CA TYR C 36 -14.38 -1.49 9.83
C TYR C 36 -14.29 -2.41 8.63
N GLN C 37 -15.45 -2.68 8.03
CA GLN C 37 -15.57 -3.47 6.81
C GLN C 37 -16.32 -2.65 5.77
N GLN C 38 -15.81 -2.65 4.54
CA GLN C 38 -16.44 -1.91 3.44
C GLN C 38 -16.49 -2.80 2.21
N LYS C 39 -17.69 -3.08 1.74
CA LYS C 39 -17.91 -3.83 0.50
C LYS C 39 -17.98 -2.87 -0.68
N PRO C 40 -17.69 -3.37 -1.89
CA PRO C 40 -17.71 -2.48 -3.06
C PRO C 40 -19.09 -1.84 -3.26
N GLY C 41 -19.08 -0.53 -3.44
CA GLY C 41 -20.31 0.21 -3.65
C GLY C 41 -21.16 0.41 -2.41
N GLN C 42 -20.66 0.02 -1.24
CA GLN C 42 -21.42 0.11 0.00
C GLN C 42 -20.63 0.94 1.03
N SER C 43 -21.34 1.35 2.08
CA SER C 43 -20.77 2.17 3.12
C SER C 43 -19.95 1.32 4.11
N PRO C 44 -19.03 1.94 4.84
CA PRO C 44 -18.30 1.20 5.87
C PRO C 44 -19.24 0.70 6.97
N LYS C 45 -18.78 -0.34 7.66
CA LYS C 45 -19.55 -0.98 8.72
C LYS C 45 -18.63 -1.30 9.88
N LEU C 46 -19.00 -0.85 11.07
CA LEU C 46 -18.15 -1.03 12.25
C LEU C 46 -18.15 -2.49 12.68
N LEU C 47 -16.96 -3.05 12.88
CA LEU C 47 -16.80 -4.42 13.35
C LEU C 47 -16.32 -4.49 14.79
N ILE C 48 -15.24 -3.78 15.12
CA ILE C 48 -14.63 -3.83 16.44
C ILE C 48 -14.40 -2.40 16.93
N TYR C 49 -14.59 -2.19 18.23
CA TYR C 49 -14.17 -0.95 18.88
C TYR C 49 -13.46 -1.30 20.18
N TRP C 50 -12.68 -0.33 20.68
CA TRP C 50 -11.84 -0.53 21.86
C TRP C 50 -10.94 -1.75 21.70
N ALA C 51 -10.40 -1.90 20.48
CA ALA C 51 -9.41 -2.91 20.11
C ALA C 51 -9.98 -4.31 20.02
N SER C 52 -10.90 -4.69 20.91
CA SER C 52 -11.33 -6.08 20.98
C SER C 52 -12.82 -6.29 21.19
N ILE C 53 -13.64 -5.24 21.31
CA ILE C 53 -15.06 -5.40 21.57
C ILE C 53 -15.81 -5.44 20.25
N ARG C 54 -16.52 -6.55 20.01
CA ARG C 54 -17.33 -6.66 18.80
C ARG C 54 -18.57 -5.79 18.90
N HIS C 55 -18.90 -5.11 17.80
CA HIS C 55 -20.12 -4.33 17.76
C HIS C 55 -21.34 -5.26 17.76
N THR C 56 -22.48 -4.72 18.15
CA THR C 56 -23.71 -5.50 18.18
C THR C 56 -24.07 -5.97 16.78
N GLY C 57 -24.41 -7.26 16.66
CA GLY C 57 -24.74 -7.87 15.39
C GLY C 57 -23.57 -8.41 14.61
N VAL C 58 -22.33 -8.16 15.07
CA VAL C 58 -21.15 -8.68 14.37
C VAL C 58 -20.95 -10.15 14.77
N PRO C 59 -20.77 -11.05 13.81
CA PRO C 59 -20.61 -12.47 14.13
C PRO C 59 -19.37 -12.71 14.99
N ASP C 60 -19.36 -13.87 15.65
CA ASP C 60 -18.27 -14.24 16.54
C ASP C 60 -16.98 -14.58 15.81
N ARG C 61 -17.02 -14.65 14.47
CA ARG C 61 -15.81 -15.00 13.72
C ARG C 61 -14.80 -13.87 13.72
N PHE C 62 -15.25 -12.63 13.83
CA PHE C 62 -14.38 -11.46 13.81
C PHE C 62 -13.88 -11.18 15.23
N THR C 63 -12.56 -11.17 15.41
CA THR C 63 -11.94 -10.89 16.69
C THR C 63 -10.82 -9.87 16.51
N GLY C 64 -10.72 -8.94 17.45
CA GLY C 64 -9.66 -7.96 17.46
C GLY C 64 -8.78 -8.13 18.68
N SER C 65 -7.51 -7.78 18.52
CA SER C 65 -6.55 -7.90 19.61
C SER C 65 -5.38 -6.96 19.35
N GLY C 66 -4.56 -6.77 20.39
CA GLY C 66 -3.41 -5.90 20.30
C GLY C 66 -3.45 -4.74 21.26
N SER C 67 -2.27 -4.24 21.63
CA SER C 67 -2.18 -3.11 22.56
C SER C 67 -0.91 -2.34 22.25
N GLY C 68 -0.99 -1.01 22.38
CA GLY C 68 0.16 -0.17 22.13
C GLY C 68 0.23 0.34 20.71
N THR C 69 0.96 -0.38 19.85
CA THR C 69 1.15 0.03 18.47
C THR C 69 0.78 -1.03 17.44
N ASP C 70 0.68 -2.31 17.81
CA ASP C 70 0.42 -3.38 16.88
C ASP C 70 -0.95 -3.99 17.16
N PHE C 71 -1.78 -4.06 16.13
CA PHE C 71 -3.15 -4.55 16.26
C PHE C 71 -3.47 -5.48 15.10
N THR C 72 -4.41 -6.39 15.35
CA THR C 72 -4.73 -7.44 14.37
C THR C 72 -6.23 -7.73 14.41
N LEU C 73 -6.83 -7.83 13.22
CA LEU C 73 -8.20 -8.27 13.06
C LEU C 73 -8.17 -9.68 12.47
N THR C 74 -8.60 -10.66 13.25
CA THR C 74 -8.58 -12.06 12.84
C THR C 74 -9.99 -12.51 12.47
N ILE C 75 -10.12 -13.14 11.31
CA ILE C 75 -11.40 -13.64 10.80
C ILE C 75 -11.27 -15.16 10.73
N SER C 76 -11.87 -15.85 11.72
CA SER C 76 -11.87 -17.30 11.73
C SER C 76 -12.97 -17.84 10.83
N ASN C 77 -12.67 -18.92 10.10
CA ASN C 77 -13.62 -19.53 9.17
C ASN C 77 -14.16 -18.50 8.18
N VAL C 78 -13.34 -18.14 7.20
CA VAL C 78 -13.70 -17.10 6.24
C VAL C 78 -14.89 -17.56 5.41
N GLN C 79 -15.95 -16.77 5.40
CA GLN C 79 -17.11 -17.04 4.57
C GLN C 79 -17.00 -16.25 3.26
N SER C 80 -17.85 -16.63 2.29
CA SER C 80 -17.84 -15.93 1.01
C SER C 80 -18.32 -14.50 1.14
N GLU C 81 -19.17 -14.22 2.13
CA GLU C 81 -19.67 -12.87 2.38
C GLU C 81 -18.66 -11.98 3.10
N ASP C 82 -17.40 -12.40 3.20
CA ASP C 82 -16.36 -11.61 3.84
C ASP C 82 -15.42 -10.97 2.83
N LEU C 83 -15.63 -11.19 1.53
CA LEU C 83 -14.87 -10.49 0.49
C LEU C 83 -15.16 -9.00 0.57
N ALA C 84 -14.26 -8.25 1.20
CA ALA C 84 -14.48 -6.82 1.39
C ALA C 84 -13.15 -6.16 1.71
N ASP C 85 -13.22 -4.85 1.97
CA ASP C 85 -12.08 -4.06 2.40
C ASP C 85 -12.14 -3.86 3.91
N TYR C 86 -11.00 -4.00 4.57
CA TYR C 86 -10.90 -3.89 6.02
C TYR C 86 -9.85 -2.86 6.37
N PHE C 87 -10.16 -1.96 7.30
CA PHE C 87 -9.23 -0.91 7.69
C PHE C 87 -9.40 -0.60 9.17
N CYS C 88 -8.32 -0.10 9.77
CA CYS C 88 -8.27 0.25 11.17
C CYS C 88 -8.45 1.75 11.36
N GLN C 89 -8.59 2.17 12.62
CA GLN C 89 -8.77 3.57 12.97
C GLN C 89 -8.36 3.77 14.42
N GLN C 90 -7.67 4.86 14.69
CA GLN C 90 -7.27 5.22 16.05
C GLN C 90 -8.01 6.47 16.50
N TYR C 91 -8.36 6.52 17.79
CA TYR C 91 -8.95 7.71 18.39
C TYR C 91 -8.25 8.07 19.69
N SER C 92 -6.95 7.83 19.77
CA SER C 92 -6.17 8.24 20.93
C SER C 92 -5.89 9.74 20.91
N SER C 93 -5.64 10.31 19.73
CA SER C 93 -5.33 11.72 19.60
C SER C 93 -5.97 12.27 18.33
N TYR C 94 -6.24 13.57 18.34
CA TYR C 94 -6.77 14.22 17.15
C TYR C 94 -5.63 14.68 16.24
N PRO C 95 -5.82 14.63 14.91
CA PRO C 95 -7.03 14.22 14.19
C PRO C 95 -7.21 12.71 14.13
N LEU C 96 -8.46 12.24 14.03
CA LEU C 96 -8.70 10.82 13.86
C LEU C 96 -8.19 10.37 12.49
N THR C 97 -7.51 9.23 12.47
CA THR C 97 -6.86 8.74 11.26
C THR C 97 -7.24 7.29 10.99
N PHE C 98 -7.29 6.93 9.71
CA PHE C 98 -7.62 5.59 9.27
C PHE C 98 -6.43 4.95 8.58
N GLY C 99 -6.47 3.62 8.48
CA GLY C 99 -5.53 2.91 7.65
C GLY C 99 -5.98 2.90 6.20
N ALA C 100 -5.05 2.56 5.30
CA ALA C 100 -5.37 2.60 3.89
C ALA C 100 -6.26 1.44 3.46
N GLY C 101 -6.34 0.39 4.25
CA GLY C 101 -7.25 -0.70 3.96
C GLY C 101 -6.52 -1.92 3.45
N THR C 102 -7.15 -3.08 3.63
CA THR C 102 -6.62 -4.36 3.16
C THR C 102 -7.78 -5.16 2.58
N LYS C 103 -7.68 -5.49 1.29
CA LYS C 103 -8.74 -6.22 0.60
C LYS C 103 -8.44 -7.72 0.61
N LEU C 104 -9.48 -8.50 0.88
CA LEU C 104 -9.37 -9.96 0.94
C LEU C 104 -9.66 -10.53 -0.45
N GLU C 105 -8.68 -11.23 -1.03
CA GLU C 105 -8.85 -11.89 -2.30
C GLU C 105 -8.95 -13.40 -2.09
N LEU C 106 -9.88 -14.03 -2.81
CA LEU C 106 -10.14 -15.45 -2.64
C LEU C 106 -9.28 -16.27 -3.57
N GLU C 107 -8.74 -17.37 -3.05
CA GLU C 107 -7.92 -18.29 -3.81
C GLU C 107 -8.78 -19.32 -4.53
N ARG C 108 -8.33 -19.73 -5.71
CA ARG C 108 -9.01 -20.73 -6.50
C ARG C 108 -8.05 -21.24 -7.58
N ALA C 109 -8.47 -22.27 -8.30
CA ALA C 109 -7.65 -22.84 -9.34
C ALA C 109 -7.59 -21.89 -10.55
N ASP C 110 -6.54 -22.07 -11.35
CA ASP C 110 -6.34 -21.24 -12.53
C ASP C 110 -7.47 -21.42 -13.53
N ALA C 111 -7.65 -20.41 -14.38
CA ALA C 111 -8.69 -20.46 -15.40
C ALA C 111 -8.29 -19.55 -16.55
N ALA C 112 -8.40 -20.07 -17.78
CA ALA C 112 -8.07 -19.29 -18.96
C ALA C 112 -9.24 -18.37 -19.33
N PRO C 113 -8.95 -17.19 -19.87
CA PRO C 113 -10.02 -16.24 -20.18
C PRO C 113 -10.74 -16.58 -21.48
N THR C 114 -12.03 -16.22 -21.51
CA THR C 114 -12.83 -16.30 -22.72
C THR C 114 -12.74 -14.97 -23.44
N VAL C 115 -12.12 -14.97 -24.62
CA VAL C 115 -11.80 -13.75 -25.35
C VAL C 115 -12.79 -13.57 -26.49
N SER C 116 -13.30 -12.35 -26.64
CA SER C 116 -14.22 -12.00 -27.72
C SER C 116 -13.83 -10.64 -28.28
N ILE C 117 -13.87 -10.53 -29.61
CA ILE C 117 -13.51 -9.30 -30.30
C ILE C 117 -14.74 -8.80 -31.07
N PHE C 118 -14.89 -7.48 -31.15
CA PHE C 118 -16.06 -6.86 -31.75
C PHE C 118 -15.64 -5.74 -32.70
N PRO C 119 -16.13 -5.73 -33.92
CA PRO C 119 -15.82 -4.63 -34.84
C PRO C 119 -16.66 -3.41 -34.51
N PRO C 120 -16.36 -2.25 -35.11
CA PRO C 120 -17.16 -1.05 -34.84
C PRO C 120 -18.60 -1.21 -35.32
N SER C 121 -19.50 -0.55 -34.60
CA SER C 121 -20.92 -0.58 -34.95
C SER C 121 -21.22 0.42 -36.05
N SER C 122 -22.36 0.22 -36.71
CA SER C 122 -22.79 1.15 -37.76
C SER C 122 -23.13 2.52 -37.19
N GLU C 123 -23.60 2.56 -35.93
CA GLU C 123 -23.93 3.85 -35.31
C GLU C 123 -22.69 4.71 -35.14
N GLN C 124 -21.57 4.12 -34.72
CA GLN C 124 -20.35 4.88 -34.53
C GLN C 124 -19.69 5.23 -35.86
N LEU C 125 -19.70 4.29 -36.81
CA LEU C 125 -19.13 4.57 -38.13
C LEU C 125 -19.88 5.69 -38.84
N THR C 126 -21.19 5.80 -38.62
CA THR C 126 -21.94 6.91 -39.21
C THR C 126 -21.49 8.25 -38.62
N SER C 127 -21.04 8.25 -37.37
CA SER C 127 -20.56 9.46 -36.72
C SER C 127 -19.13 9.81 -37.10
N GLY C 128 -18.40 8.89 -37.73
CA GLY C 128 -17.03 9.14 -38.12
C GLY C 128 -15.97 8.50 -37.25
N GLY C 129 -16.37 7.70 -36.25
CA GLY C 129 -15.44 7.02 -35.38
C GLY C 129 -15.46 5.52 -35.61
N ALA C 130 -14.50 4.84 -34.96
CA ALA C 130 -14.37 3.40 -35.10
C ALA C 130 -13.63 2.87 -33.87
N SER C 131 -14.35 2.21 -32.99
CA SER C 131 -13.79 1.60 -31.78
C SER C 131 -13.89 0.09 -31.87
N VAL C 132 -12.79 -0.59 -31.53
CA VAL C 132 -12.74 -2.04 -31.49
C VAL C 132 -12.61 -2.47 -30.03
N VAL C 133 -13.43 -3.44 -29.61
CA VAL C 133 -13.54 -3.84 -28.22
C VAL C 133 -13.14 -5.30 -28.09
N CYS C 134 -12.40 -5.61 -27.02
CA CYS C 134 -12.01 -6.98 -26.71
C CYS C 134 -12.39 -7.27 -25.26
N PHE C 135 -13.24 -8.28 -25.07
CA PHE C 135 -13.64 -8.71 -23.74
C PHE C 135 -12.83 -9.93 -23.31
N LEU C 136 -12.38 -9.91 -22.05
CA LEU C 136 -11.60 -10.99 -21.47
C LEU C 136 -12.28 -11.37 -20.15
N ASN C 137 -13.02 -12.48 -20.15
CA ASN C 137 -13.93 -12.81 -19.07
C ASN C 137 -13.49 -14.07 -18.34
N ASN C 138 -13.62 -14.03 -17.01
CA ASN C 138 -13.56 -15.21 -16.14
C ASN C 138 -12.19 -15.89 -16.23
N PHE C 139 -11.15 -15.15 -15.88
CA PHE C 139 -9.81 -15.71 -15.79
C PHE C 139 -9.28 -15.62 -14.37
N TYR C 140 -8.27 -16.45 -14.09
CA TYR C 140 -7.60 -16.47 -12.80
C TYR C 140 -6.22 -17.06 -12.98
N PRO C 141 -5.17 -16.47 -12.39
CA PRO C 141 -5.17 -15.30 -11.51
C PRO C 141 -5.39 -14.00 -12.26
N LYS C 142 -5.41 -12.88 -11.52
CA LYS C 142 -5.75 -11.59 -12.10
C LYS C 142 -4.67 -11.04 -13.03
N ASP C 143 -3.44 -11.56 -12.95
CA ASP C 143 -2.34 -11.05 -13.77
C ASP C 143 -2.56 -11.42 -15.23
N ILE C 144 -2.63 -10.41 -16.09
CA ILE C 144 -2.88 -10.62 -17.51
C ILE C 144 -2.33 -9.42 -18.27
N ASN C 145 -2.11 -9.58 -19.57
CA ASN C 145 -1.61 -8.51 -20.41
C ASN C 145 -2.20 -8.67 -21.81
N VAL C 146 -2.64 -7.54 -22.39
CA VAL C 146 -3.32 -7.54 -23.68
C VAL C 146 -2.58 -6.60 -24.62
N LYS C 147 -2.34 -7.06 -25.85
CA LYS C 147 -1.74 -6.26 -26.89
C LYS C 147 -2.68 -6.19 -28.09
N TRP C 148 -2.75 -5.01 -28.72
CA TRP C 148 -3.52 -4.80 -29.92
C TRP C 148 -2.60 -4.79 -31.13
N LYS C 149 -2.97 -5.53 -32.17
CA LYS C 149 -2.18 -5.63 -33.39
C LYS C 149 -3.04 -5.21 -34.58
N ILE C 150 -2.52 -4.28 -35.38
CA ILE C 150 -3.19 -3.81 -36.58
C ILE C 150 -2.29 -4.18 -37.76
N ASP C 151 -2.78 -5.07 -38.63
CA ASP C 151 -2.02 -5.58 -39.76
C ASP C 151 -0.69 -6.20 -39.32
N GLY C 152 -0.67 -6.80 -38.13
CA GLY C 152 0.51 -7.45 -37.61
C GLY C 152 1.40 -6.58 -36.75
N SER C 153 1.17 -5.27 -36.71
CA SER C 153 1.99 -4.36 -35.94
C SER C 153 1.29 -3.95 -34.66
N GLU C 154 2.04 -3.92 -33.56
CA GLU C 154 1.47 -3.55 -32.27
C GLU C 154 1.06 -2.08 -32.27
N ARG C 155 -0.05 -1.80 -31.60
CA ARG C 155 -0.57 -0.44 -31.46
C ARG C 155 -0.89 -0.18 -30.00
N GLN C 156 -0.34 0.91 -29.46
CA GLN C 156 -0.55 1.28 -28.06
C GLN C 156 -1.36 2.55 -27.88
N ASN C 157 -1.27 3.50 -28.79
CA ASN C 157 -2.01 4.75 -28.65
C ASN C 157 -3.50 4.53 -28.90
N GLY C 158 -4.33 5.20 -28.12
CA GLY C 158 -5.76 5.10 -28.27
C GLY C 158 -6.39 3.89 -27.60
N VAL C 159 -5.70 3.25 -26.67
CA VAL C 159 -6.19 2.06 -25.99
C VAL C 159 -6.67 2.45 -24.61
N LEU C 160 -7.82 1.90 -24.21
CA LEU C 160 -8.38 2.12 -22.88
C LEU C 160 -8.70 0.77 -22.25
N ASN C 161 -8.16 0.55 -21.05
CA ASN C 161 -8.30 -0.71 -20.35
C ASN C 161 -9.06 -0.51 -19.04
N SER C 162 -9.82 -1.53 -18.66
CA SER C 162 -10.62 -1.49 -17.44
C SER C 162 -10.74 -2.90 -16.89
N TRP C 163 -10.61 -3.04 -15.57
CA TRP C 163 -10.67 -4.32 -14.89
C TRP C 163 -11.79 -4.31 -13.87
N THR C 164 -12.44 -5.45 -13.71
CA THR C 164 -13.44 -5.63 -12.65
C THR C 164 -12.76 -6.13 -11.38
N ASP C 165 -13.51 -6.06 -10.29
CA ASP C 165 -13.08 -6.69 -9.04
C ASP C 165 -13.39 -8.18 -9.11
N GLN C 166 -13.00 -8.91 -8.07
CA GLN C 166 -13.19 -10.35 -8.05
C GLN C 166 -14.68 -10.68 -8.09
N ASP C 167 -15.05 -11.60 -8.98
CA ASP C 167 -16.45 -11.99 -9.13
C ASP C 167 -16.95 -12.65 -7.85
N SER C 168 -18.14 -12.25 -7.42
CA SER C 168 -18.72 -12.78 -6.18
C SER C 168 -19.32 -14.17 -6.36
N LYS C 169 -19.35 -14.69 -7.58
CA LYS C 169 -19.95 -15.99 -7.86
C LYS C 169 -18.92 -17.07 -8.18
N ASP C 170 -17.94 -16.79 -9.03
CA ASP C 170 -16.91 -17.76 -9.38
C ASP C 170 -15.50 -17.32 -9.00
N SER C 171 -15.34 -16.18 -8.33
CA SER C 171 -14.05 -15.72 -7.81
C SER C 171 -13.03 -15.50 -8.92
N THR C 172 -13.49 -15.09 -10.11
CA THR C 172 -12.61 -14.79 -11.24
C THR C 172 -12.59 -13.28 -11.50
N TYR C 173 -11.81 -12.89 -12.49
CA TYR C 173 -11.65 -11.50 -12.87
C TYR C 173 -11.97 -11.32 -14.35
N SER C 174 -12.28 -10.09 -14.72
CA SER C 174 -12.62 -9.77 -16.10
C SER C 174 -11.99 -8.43 -16.48
N MET C 175 -11.80 -8.23 -17.78
CA MET C 175 -11.13 -7.04 -18.29
C MET C 175 -11.69 -6.71 -19.67
N SER C 176 -11.78 -5.40 -19.95
CA SER C 176 -12.24 -4.91 -21.24
C SER C 176 -11.20 -3.94 -21.80
N SER C 177 -10.94 -4.06 -23.10
CA SER C 177 -9.98 -3.22 -23.79
C SER C 177 -10.64 -2.63 -25.04
N THR C 178 -10.58 -1.31 -25.16
CA THR C 178 -11.22 -0.59 -26.27
C THR C 178 -10.16 0.20 -27.02
N LEU C 179 -9.95 -0.12 -28.29
CA LEU C 179 -9.05 0.60 -29.17
C LEU C 179 -9.88 1.54 -30.03
N THR C 180 -9.69 2.84 -29.84
CA THR C 180 -10.48 3.86 -30.53
C THR C 180 -9.66 4.49 -31.66
N LEU C 181 -10.21 4.46 -32.86
CA LEU C 181 -9.61 5.07 -34.03
C LEU C 181 -10.64 5.92 -34.75
N THR C 182 -10.17 6.72 -35.70
CA THR C 182 -11.08 7.42 -36.60
C THR C 182 -11.52 6.47 -37.72
N LYS C 183 -12.65 6.82 -38.35
CA LYS C 183 -13.16 5.99 -39.43
C LYS C 183 -12.19 5.94 -40.61
N ASP C 184 -11.56 7.08 -40.91
CA ASP C 184 -10.58 7.11 -41.99
C ASP C 184 -9.40 6.18 -41.71
N GLU C 185 -8.90 6.18 -40.48
CA GLU C 185 -7.79 5.30 -40.13
C GLU C 185 -8.22 3.84 -40.12
N TYR C 186 -9.44 3.56 -39.65
CA TYR C 186 -9.93 2.19 -39.58
C TYR C 186 -10.02 1.56 -40.96
N GLU C 187 -10.40 2.34 -41.97
CA GLU C 187 -10.58 1.84 -43.33
C GLU C 187 -9.25 1.68 -44.07
N ARG C 188 -8.13 2.03 -43.47
CA ARG C 188 -6.83 1.94 -44.13
C ARG C 188 -6.04 0.71 -43.72
N HIS C 189 -6.65 -0.21 -42.98
CA HIS C 189 -6.00 -1.45 -42.57
C HIS C 189 -6.99 -2.60 -42.66
N ASN C 190 -6.46 -3.82 -42.58
CA ASN C 190 -7.26 -5.03 -42.76
C ASN C 190 -7.46 -5.78 -41.46
N SER C 191 -6.42 -6.42 -40.93
CA SER C 191 -6.55 -7.31 -39.78
C SER C 191 -6.46 -6.52 -38.46
N TYR C 192 -7.32 -6.88 -37.52
CA TYR C 192 -7.32 -6.30 -36.18
C TYR C 192 -7.30 -7.44 -35.18
N THR C 193 -6.31 -7.44 -34.29
CA THR C 193 -6.03 -8.58 -33.44
C THR C 193 -5.93 -8.16 -31.98
N CYS C 194 -6.53 -8.95 -31.10
CA CYS C 194 -6.45 -8.78 -29.66
C CYS C 194 -5.75 -9.99 -29.07
N GLU C 195 -4.58 -9.78 -28.49
CA GLU C 195 -3.72 -10.87 -27.99
C GLU C 195 -3.71 -10.85 -26.47
N ALA C 196 -4.00 -12.01 -25.87
CA ALA C 196 -4.10 -12.15 -24.42
C ALA C 196 -3.01 -13.08 -23.91
N THR C 197 -2.11 -12.54 -23.08
CA THR C 197 -1.05 -13.32 -22.47
C THR C 197 -1.44 -13.65 -21.03
N HIS C 198 -1.55 -14.94 -20.73
CA HIS C 198 -1.98 -15.39 -19.41
C HIS C 198 -1.15 -16.61 -19.02
N LYS C 199 -1.02 -16.83 -17.71
CA LYS C 199 -0.21 -17.94 -17.22
C LYS C 199 -0.82 -19.30 -17.55
N THR C 200 -2.12 -19.34 -17.87
CA THR C 200 -2.77 -20.61 -18.19
C THR C 200 -2.41 -21.12 -19.58
N SER C 201 -1.69 -20.34 -20.38
CA SER C 201 -1.35 -20.74 -21.74
C SER C 201 0.08 -20.31 -22.05
N THR C 202 0.88 -21.26 -22.55
CA THR C 202 2.25 -20.94 -22.93
C THR C 202 2.28 -19.98 -24.12
N SER C 203 1.33 -20.10 -25.03
CA SER C 203 1.15 -19.19 -26.15
C SER C 203 -0.08 -18.32 -25.93
N PRO C 204 -0.06 -17.07 -26.37
CA PRO C 204 -1.18 -16.17 -26.09
C PRO C 204 -2.44 -16.58 -26.85
N ILE C 205 -3.58 -16.30 -26.21
CA ILE C 205 -4.88 -16.49 -26.85
C ILE C 205 -5.13 -15.35 -27.82
N VAL C 206 -5.45 -15.67 -29.06
CA VAL C 206 -5.54 -14.70 -30.14
C VAL C 206 -6.96 -14.69 -30.69
N LYS C 207 -7.54 -13.50 -30.83
CA LYS C 207 -8.82 -13.29 -31.47
C LYS C 207 -8.69 -12.14 -32.46
N SER C 208 -9.16 -12.35 -33.69
CA SER C 208 -8.95 -11.35 -34.73
C SER C 208 -10.07 -11.45 -35.76
N PHE C 209 -10.18 -10.39 -36.57
CA PHE C 209 -11.07 -10.37 -37.72
C PHE C 209 -10.40 -9.60 -38.85
N ASN C 210 -10.86 -9.86 -40.08
CA ASN C 210 -10.33 -9.21 -41.27
C ASN C 210 -11.42 -8.35 -41.90
N ARG C 211 -11.07 -7.11 -42.22
CA ARG C 211 -12.04 -6.21 -42.82
C ARG C 211 -12.44 -6.64 -44.23
N ASN C 212 -11.55 -7.36 -44.92
CA ASN C 212 -11.87 -7.80 -46.28
C ASN C 212 -12.99 -8.83 -46.29
N GLU C 213 -13.15 -9.60 -45.22
CA GLU C 213 -14.24 -10.55 -45.09
C GLU C 213 -15.55 -9.89 -44.70
N CYS C 214 -15.54 -8.58 -44.42
CA CYS C 214 -16.76 -7.86 -44.09
C CYS C 214 -16.85 -6.58 -44.93
N ASP D 1 -0.87 17.00 -8.11
CA ASP D 1 0.21 16.65 -9.03
C ASP D 1 0.03 15.23 -9.55
N ILE D 2 1.03 14.74 -10.28
CA ILE D 2 0.97 13.40 -10.87
C ILE D 2 1.33 12.38 -9.80
N VAL D 3 0.42 11.45 -9.53
CA VAL D 3 0.60 10.41 -8.52
C VAL D 3 0.83 9.09 -9.24
N MET D 4 1.90 8.39 -8.85
CA MET D 4 2.19 7.06 -9.35
C MET D 4 1.72 6.04 -8.31
N THR D 5 0.73 5.24 -8.67
CA THR D 5 0.08 4.31 -7.75
C THR D 5 0.49 2.89 -8.07
N GLN D 6 1.20 2.26 -7.15
CA GLN D 6 1.47 0.82 -7.18
C GLN D 6 0.52 0.18 -6.17
N SER D 7 -0.53 -0.47 -6.69
CA SER D 7 -1.61 -0.96 -5.83
C SER D 7 -1.12 -2.06 -4.87
N HIS D 8 -0.14 -2.85 -5.27
CA HIS D 8 0.30 -3.99 -4.48
C HIS D 8 1.55 -3.63 -3.68
N LYS D 9 1.44 -3.74 -2.36
CA LYS D 9 2.62 -3.59 -1.49
C LYS D 9 3.47 -4.84 -1.48
N PHE D 10 2.84 -6.01 -1.65
CA PHE D 10 3.55 -7.28 -1.65
C PHE D 10 3.04 -8.14 -2.80
N MET D 11 3.94 -8.91 -3.39
CA MET D 11 3.59 -9.87 -4.43
C MET D 11 4.32 -11.18 -4.18
N SER D 12 3.57 -12.28 -4.14
CA SER D 12 4.13 -13.60 -3.87
C SER D 12 4.49 -14.28 -5.18
N THR D 13 5.69 -14.85 -5.23
CA THR D 13 6.17 -15.57 -6.40
C THR D 13 7.17 -16.62 -5.95
N SER D 14 7.55 -17.48 -6.89
CA SER D 14 8.49 -18.56 -6.62
C SER D 14 9.74 -18.40 -7.49
N VAL D 15 10.82 -19.03 -7.05
CA VAL D 15 12.08 -18.97 -7.79
C VAL D 15 11.89 -19.65 -9.15
N GLY D 16 12.17 -18.91 -10.22
CA GLY D 16 11.99 -19.40 -11.56
C GLY D 16 10.68 -18.99 -12.21
N ASP D 17 9.71 -18.55 -11.43
CA ASP D 17 8.42 -18.14 -11.95
C ASP D 17 8.54 -16.76 -12.61
N ARG D 18 7.41 -16.26 -13.11
CA ARG D 18 7.33 -14.95 -13.74
C ARG D 18 6.38 -14.07 -12.94
N VAL D 19 6.82 -12.85 -12.63
CA VAL D 19 6.03 -11.91 -11.85
C VAL D 19 5.95 -10.59 -12.60
N SER D 20 4.84 -9.88 -12.43
CA SER D 20 4.58 -8.61 -13.10
C SER D 20 4.16 -7.58 -12.06
N ILE D 21 4.89 -6.48 -12.00
CA ILE D 21 4.60 -5.39 -11.07
C ILE D 21 4.00 -4.23 -11.86
N THR D 22 2.84 -3.76 -11.43
CA THR D 22 2.10 -2.74 -12.15
C THR D 22 2.23 -1.38 -11.46
N CYS D 23 2.14 -0.32 -12.27
CA CYS D 23 2.22 1.05 -11.78
C CYS D 23 1.29 1.90 -12.63
N LYS D 24 0.44 2.68 -11.98
CA LYS D 24 -0.59 3.46 -12.66
C LYS D 24 -0.39 4.94 -12.36
N ALA D 25 -0.26 5.74 -13.42
CA ALA D 25 -0.12 7.18 -13.28
C ALA D 25 -1.49 7.85 -13.26
N SER D 26 -1.58 8.97 -12.55
CA SER D 26 -2.83 9.71 -12.46
C SER D 26 -3.15 10.49 -13.72
N GLN D 27 -2.15 10.78 -14.55
CA GLN D 27 -2.35 11.46 -15.83
C GLN D 27 -1.54 10.76 -16.91
N ASP D 28 -1.74 11.20 -18.15
CA ASP D 28 -0.98 10.68 -19.27
C ASP D 28 0.47 11.17 -19.19
N VAL D 29 1.42 10.24 -19.12
CA VAL D 29 2.83 10.55 -19.04
C VAL D 29 3.60 10.00 -20.23
N GLY D 30 2.90 9.51 -21.26
CA GLY D 30 3.54 8.88 -22.40
C GLY D 30 4.34 7.65 -22.05
N THR D 31 5.65 7.72 -22.27
CA THR D 31 6.58 6.65 -21.92
C THR D 31 7.72 7.18 -21.05
N ASP D 32 7.48 8.29 -20.36
CA ASP D 32 8.49 8.92 -19.50
C ASP D 32 8.43 8.29 -18.10
N VAL D 33 8.79 7.00 -18.06
CA VAL D 33 8.70 6.19 -16.84
C VAL D 33 10.01 5.44 -16.65
N ALA D 34 10.47 5.36 -15.41
CA ALA D 34 11.67 4.61 -15.05
C ALA D 34 11.35 3.64 -13.91
N TRP D 35 12.08 2.53 -13.87
CA TRP D 35 11.93 1.52 -12.84
C TRP D 35 13.24 1.36 -12.09
N TYR D 36 13.13 1.09 -10.79
CA TYR D 36 14.30 0.92 -9.93
C TYR D 36 14.10 -0.27 -9.01
N GLN D 37 15.22 -0.79 -8.51
CA GLN D 37 15.23 -1.89 -7.55
C GLN D 37 16.05 -1.45 -6.33
N GLN D 38 15.52 -1.70 -5.14
CA GLN D 38 16.18 -1.35 -3.89
C GLN D 38 16.22 -2.56 -2.99
N LYS D 39 17.42 -3.08 -2.73
CA LYS D 39 17.58 -4.17 -1.78
C LYS D 39 17.64 -3.62 -0.36
N PRO D 40 17.24 -4.42 0.63
CA PRO D 40 17.19 -3.91 2.02
C PRO D 40 18.57 -3.45 2.49
N GLY D 41 18.61 -2.20 2.97
CA GLY D 41 19.86 -1.63 3.44
C GLY D 41 20.81 -1.21 2.35
N GLN D 42 20.33 -0.99 1.13
CA GLN D 42 21.18 -0.64 0.01
C GLN D 42 20.56 0.51 -0.76
N SER D 43 21.32 1.04 -1.72
CA SER D 43 20.88 2.16 -2.54
C SER D 43 20.03 1.67 -3.72
N PRO D 44 19.12 2.50 -4.20
CA PRO D 44 18.33 2.12 -5.38
C PRO D 44 19.21 1.94 -6.60
N LYS D 45 18.76 1.08 -7.50
CA LYS D 45 19.50 0.76 -8.72
C LYS D 45 18.55 0.87 -9.91
N LEU D 46 18.96 1.61 -10.94
CA LEU D 46 18.11 1.82 -12.10
C LEU D 46 18.06 0.55 -12.94
N LEU D 47 16.84 0.13 -13.29
CA LEU D 47 16.62 -1.05 -14.12
C LEU D 47 16.21 -0.70 -15.55
N ILE D 48 15.23 0.19 -15.70
CA ILE D 48 14.66 0.52 -17.01
C ILE D 48 14.32 2.00 -17.04
N TYR D 49 14.60 2.66 -18.16
CA TYR D 49 14.20 4.04 -18.39
C TYR D 49 13.48 4.11 -19.74
N TRP D 50 12.78 5.23 -19.95
CA TRP D 50 11.95 5.44 -21.14
C TRP D 50 10.96 4.28 -21.31
N ALA D 51 10.43 3.81 -20.19
CA ALA D 51 9.37 2.80 -20.11
C ALA D 51 9.84 1.38 -20.47
N SER D 52 10.84 1.25 -21.35
CA SER D 52 11.21 -0.10 -21.80
C SER D 52 12.68 -0.29 -22.16
N ILE D 53 13.55 0.70 -21.95
CA ILE D 53 14.96 0.55 -22.29
C ILE D 53 15.72 0.10 -21.05
N ARG D 54 16.39 -1.05 -21.15
CA ARG D 54 17.18 -1.54 -20.03
C ARG D 54 18.42 -0.69 -19.85
N HIS D 55 18.77 -0.43 -18.58
CA HIS D 55 20.03 0.23 -18.28
C HIS D 55 21.19 -0.72 -18.54
N THR D 56 22.37 -0.14 -18.75
CA THR D 56 23.56 -0.95 -18.99
C THR D 56 23.88 -1.80 -17.78
N GLY D 57 24.14 -3.08 -18.01
CA GLY D 57 24.42 -4.00 -16.93
C GLY D 57 23.22 -4.69 -16.34
N VAL D 58 22.01 -4.36 -16.79
CA VAL D 58 20.79 -4.99 -16.28
C VAL D 58 20.52 -6.26 -17.07
N PRO D 59 20.32 -7.40 -16.41
CA PRO D 59 20.07 -8.65 -17.13
C PRO D 59 18.80 -8.58 -17.97
N ASP D 60 18.76 -9.41 -19.02
CA ASP D 60 17.63 -9.44 -19.92
C ASP D 60 16.36 -10.00 -19.29
N ARG D 61 16.45 -10.50 -18.06
CA ARG D 61 15.25 -11.00 -17.36
C ARG D 61 14.28 -9.87 -17.03
N PHE D 62 14.75 -8.64 -16.95
CA PHE D 62 13.91 -7.49 -16.60
C PHE D 62 13.45 -6.80 -17.86
N THR D 63 12.13 -6.70 -18.04
CA THR D 63 11.55 -5.99 -19.17
C THR D 63 10.48 -5.03 -18.68
N GLY D 64 10.38 -3.88 -19.33
CA GLY D 64 9.35 -2.91 -19.03
C GLY D 64 8.46 -2.69 -20.24
N SER D 65 7.22 -2.30 -19.98
CA SER D 65 6.26 -2.08 -21.05
C SER D 65 5.16 -1.15 -20.54
N GLY D 66 4.38 -0.63 -21.48
CA GLY D 66 3.29 0.27 -21.16
C GLY D 66 3.42 1.61 -21.83
N SER D 67 2.28 2.28 -22.04
CA SER D 67 2.27 3.59 -22.67
C SER D 67 1.01 4.32 -22.25
N GLY D 68 1.15 5.55 -21.78
CA GLY D 68 0.02 6.33 -21.33
C GLY D 68 -0.06 6.43 -19.82
N THR D 69 -0.87 5.57 -19.19
CA THR D 69 -1.07 5.60 -17.76
C THR D 69 -0.73 4.30 -17.04
N ASP D 70 -0.71 3.16 -17.74
CA ASP D 70 -0.48 1.86 -17.13
C ASP D 70 0.85 1.30 -17.60
N PHE D 71 1.71 0.91 -16.66
CA PHE D 71 3.04 0.43 -16.95
C PHE D 71 3.31 -0.82 -16.11
N THR D 72 4.16 -1.70 -16.65
CA THR D 72 4.40 -3.01 -16.05
C THR D 72 5.88 -3.35 -16.09
N LEU D 73 6.41 -3.76 -14.94
CA LEU D 73 7.74 -4.34 -14.84
C LEU D 73 7.61 -5.84 -14.73
N THR D 74 8.26 -6.58 -15.63
CA THR D 74 8.14 -8.02 -15.70
C THR D 74 9.50 -8.67 -15.46
N ILE D 75 9.53 -9.61 -14.52
CA ILE D 75 10.71 -10.43 -14.24
C ILE D 75 10.36 -11.86 -14.63
N SER D 76 11.01 -12.36 -15.68
CA SER D 76 10.60 -13.63 -16.28
C SER D 76 11.11 -14.84 -15.53
N ASN D 77 12.31 -14.76 -14.97
CA ASN D 77 12.93 -15.89 -14.25
C ASN D 77 13.39 -15.37 -12.89
N VAL D 78 12.51 -15.45 -11.89
CA VAL D 78 12.80 -14.89 -10.58
C VAL D 78 13.94 -15.66 -9.93
N GLN D 79 15.02 -14.97 -9.62
CA GLN D 79 16.13 -15.52 -8.85
C GLN D 79 16.00 -15.11 -7.39
N SER D 80 16.74 -15.80 -6.52
CA SER D 80 16.72 -15.47 -5.11
C SER D 80 17.28 -14.07 -4.86
N GLU D 81 18.23 -13.63 -5.69
CA GLU D 81 18.80 -12.30 -5.55
C GLU D 81 17.83 -11.19 -5.93
N ASP D 82 16.70 -11.52 -6.55
CA ASP D 82 15.71 -10.52 -6.93
C ASP D 82 14.80 -10.12 -5.78
N LEU D 83 14.98 -10.71 -4.60
CA LEU D 83 14.24 -10.31 -3.41
C LEU D 83 14.58 -8.87 -3.04
N ALA D 84 13.69 -7.94 -3.37
CA ALA D 84 13.94 -6.52 -3.13
C ALA D 84 12.63 -5.76 -3.32
N ASP D 85 12.72 -4.44 -3.21
CA ASP D 85 11.62 -3.53 -3.48
C ASP D 85 11.76 -2.96 -4.88
N TYR D 86 10.62 -2.68 -5.51
CA TYR D 86 10.59 -2.15 -6.87
C TYR D 86 9.58 -1.01 -6.94
N PHE D 87 9.98 0.11 -7.53
CA PHE D 87 9.12 1.27 -7.62
C PHE D 87 9.32 1.97 -8.96
N CYS D 88 8.26 2.63 -9.41
CA CYS D 88 8.25 3.38 -10.66
C CYS D 88 8.54 4.86 -10.41
N GLN D 89 8.70 5.60 -11.49
CA GLN D 89 8.98 7.02 -11.43
C GLN D 89 8.62 7.64 -12.77
N GLN D 90 8.02 8.83 -12.72
CA GLN D 90 7.65 9.58 -13.92
C GLN D 90 8.49 10.85 -14.01
N TYR D 91 8.83 11.24 -15.24
CA TYR D 91 9.48 12.52 -15.50
C TYR D 91 8.79 13.26 -16.64
N SER D 92 7.47 13.10 -16.74
CA SER D 92 6.71 13.83 -17.75
C SER D 92 6.56 15.30 -17.38
N SER D 93 6.42 15.59 -16.09
CA SER D 93 6.31 16.97 -15.62
C SER D 93 6.84 17.06 -14.20
N TYR D 94 7.19 18.28 -13.80
CA TYR D 94 7.70 18.50 -12.46
C TYR D 94 6.56 18.71 -11.48
N PRO D 95 6.72 18.27 -10.22
CA PRO D 95 7.91 17.62 -9.64
C PRO D 95 8.01 16.15 -9.99
N LEU D 96 9.23 15.61 -10.05
CA LEU D 96 9.41 14.18 -10.26
C LEU D 96 8.85 13.41 -9.08
N THR D 97 8.01 12.42 -9.36
CA THR D 97 7.33 11.65 -8.33
C THR D 97 7.63 10.17 -8.48
N PHE D 98 7.61 9.46 -7.35
CA PHE D 98 7.89 8.04 -7.29
C PHE D 98 6.64 7.29 -6.85
N GLY D 99 6.59 6.00 -7.19
CA GLY D 99 5.61 5.11 -6.61
C GLY D 99 6.00 4.71 -5.21
N ALA D 100 5.03 4.14 -4.48
CA ALA D 100 5.28 3.76 -3.10
C ALA D 100 6.11 2.50 -2.97
N GLY D 101 6.23 1.71 -4.04
CA GLY D 101 7.07 0.53 -4.01
C GLY D 101 6.27 -0.75 -3.88
N THR D 102 6.81 -1.82 -4.45
CA THR D 102 6.20 -3.15 -4.40
C THR D 102 7.29 -4.15 -4.05
N LYS D 103 7.11 -4.85 -2.93
CA LYS D 103 8.11 -5.78 -2.41
C LYS D 103 7.75 -7.20 -2.82
N LEU D 104 8.74 -7.94 -3.32
CA LEU D 104 8.55 -9.35 -3.64
C LEU D 104 8.70 -10.20 -2.38
N GLU D 105 8.02 -11.34 -2.38
CA GLU D 105 8.17 -12.33 -1.33
C GLU D 105 8.09 -13.72 -1.96
N LEU D 106 9.00 -14.60 -1.53
CA LEU D 106 9.15 -15.90 -2.16
C LEU D 106 8.33 -16.96 -1.45
N GLU D 107 7.73 -17.86 -2.22
CA GLU D 107 6.93 -18.95 -1.69
C GLU D 107 7.82 -20.15 -1.40
N ARG D 108 7.45 -20.91 -0.37
CA ARG D 108 8.17 -22.10 0.02
C ARG D 108 7.26 -22.95 0.91
N ALA D 109 7.75 -24.13 1.28
CA ALA D 109 6.99 -25.01 2.16
C ALA D 109 6.91 -24.42 3.57
N ASP D 110 5.83 -24.76 4.27
CA ASP D 110 5.63 -24.28 5.62
C ASP D 110 6.71 -24.82 6.55
N ALA D 111 6.93 -24.10 7.66
CA ALA D 111 7.94 -24.49 8.62
C ALA D 111 7.53 -24.00 10.00
N ALA D 112 7.60 -24.88 11.00
CA ALA D 112 7.25 -24.50 12.35
C ALA D 112 8.36 -23.64 12.96
N PRO D 113 8.02 -22.63 13.76
CA PRO D 113 9.04 -21.78 14.35
C PRO D 113 9.82 -22.48 15.44
N THR D 114 11.08 -22.09 15.58
CA THR D 114 11.93 -22.54 16.70
C THR D 114 11.88 -21.48 17.78
N VAL D 115 11.32 -21.83 18.93
CA VAL D 115 11.06 -20.89 20.00
C VAL D 115 12.07 -21.10 21.12
N SER D 116 12.58 -19.99 21.66
CA SER D 116 13.53 -20.01 22.76
C SER D 116 13.21 -18.87 23.72
N ILE D 117 13.20 -19.17 25.01
CA ILE D 117 12.91 -18.18 26.04
C ILE D 117 14.16 -17.98 26.89
N PHE D 118 14.37 -16.75 27.37
CA PHE D 118 15.57 -16.40 28.11
C PHE D 118 15.18 -15.59 29.35
N PRO D 119 15.68 -15.96 30.52
CA PRO D 119 15.42 -15.17 31.73
C PRO D 119 16.32 -13.95 31.79
N PRO D 120 16.06 -13.01 32.68
CA PRO D 120 16.91 -11.81 32.77
C PRO D 120 18.34 -12.16 33.15
N SER D 121 19.26 -11.32 32.70
CA SER D 121 20.67 -11.49 33.01
C SER D 121 20.99 -10.86 34.37
N SER D 122 22.14 -11.27 34.93
CA SER D 122 22.58 -10.71 36.20
C SER D 122 22.95 -9.24 36.07
N GLU D 123 23.42 -8.82 34.89
CA GLU D 123 23.77 -7.43 34.68
C GLU D 123 22.55 -6.53 34.76
N GLN D 124 21.42 -6.97 34.17
CA GLN D 124 20.21 -6.16 34.22
C GLN D 124 19.58 -6.19 35.62
N LEU D 125 19.57 -7.37 36.25
CA LEU D 125 19.01 -7.47 37.60
C LEU D 125 19.76 -6.61 38.59
N THR D 126 21.08 -6.48 38.40
CA THR D 126 21.87 -5.58 39.26
C THR D 126 21.45 -4.13 39.07
N SER D 127 21.02 -3.77 37.87
CA SER D 127 20.60 -2.40 37.58
C SER D 127 19.18 -2.10 38.04
N GLY D 128 18.39 -3.11 38.38
CA GLY D 128 17.04 -2.90 38.84
C GLY D 128 15.95 -3.23 37.85
N GLY D 129 16.28 -3.79 36.69
CA GLY D 129 15.31 -4.15 35.69
C GLY D 129 15.36 -5.65 35.39
N ALA D 130 14.38 -6.10 34.61
CA ALA D 130 14.28 -7.52 34.26
C ALA D 130 13.48 -7.64 32.97
N SER D 131 14.16 -8.03 31.90
CA SER D 131 13.53 -8.24 30.60
C SER D 131 13.59 -9.72 30.23
N VAL D 132 12.48 -10.23 29.71
CA VAL D 132 12.39 -11.62 29.25
C VAL D 132 12.27 -11.60 27.73
N VAL D 133 13.05 -12.44 27.07
CA VAL D 133 13.17 -12.44 25.61
C VAL D 133 12.69 -13.78 25.07
N CYS D 134 11.90 -13.72 24.00
CA CYS D 134 11.39 -14.91 23.32
C CYS D 134 11.73 -14.80 21.83
N PHE D 135 12.59 -15.70 21.35
CA PHE D 135 13.00 -15.73 19.96
C PHE D 135 12.17 -16.74 19.20
N LEU D 136 11.81 -16.40 17.96
CA LEU D 136 11.03 -17.25 17.07
C LEU D 136 11.69 -17.18 15.70
N ASN D 137 12.40 -18.24 15.32
CA ASN D 137 13.27 -18.22 14.15
C ASN D 137 12.83 -19.24 13.11
N ASN D 138 12.98 -18.86 11.84
CA ASN D 138 12.87 -19.79 10.70
C ASN D 138 11.49 -20.43 10.62
N PHE D 139 10.47 -19.59 10.47
CA PHE D 139 9.11 -20.06 10.27
C PHE D 139 8.54 -19.49 8.98
N TYR D 140 7.56 -20.22 8.42
CA TYR D 140 6.86 -19.83 7.22
C TYR D 140 5.46 -20.43 7.28
N PRO D 141 4.41 -19.66 6.95
CA PRO D 141 4.42 -18.27 6.49
C PRO D 141 4.69 -17.27 7.61
N LYS D 142 4.70 -15.96 7.30
CA LYS D 142 5.07 -14.95 8.28
C LYS D 142 3.95 -14.64 9.27
N ASP D 143 2.72 -15.06 8.99
CA ASP D 143 1.61 -14.78 9.90
C ASP D 143 1.82 -15.53 11.22
N ILE D 144 1.87 -14.78 12.32
CA ILE D 144 2.15 -15.37 13.63
C ILE D 144 1.60 -14.43 14.70
N ASN D 145 1.36 -14.98 15.89
CA ASN D 145 0.87 -14.20 17.03
C ASN D 145 1.53 -14.73 18.29
N VAL D 146 2.07 -13.82 19.10
CA VAL D 146 2.83 -14.16 20.30
C VAL D 146 2.10 -13.60 21.51
N LYS D 147 1.89 -14.45 22.51
CA LYS D 147 1.21 -14.07 23.74
C LYS D 147 2.14 -14.28 24.93
N TRP D 148 2.24 -13.27 25.79
CA TRP D 148 3.04 -13.35 27.00
C TRP D 148 2.13 -13.67 28.18
N LYS D 149 2.49 -14.69 28.96
CA LYS D 149 1.68 -15.15 30.08
C LYS D 149 2.53 -15.12 31.35
N ILE D 150 2.06 -14.38 32.35
CA ILE D 150 2.69 -14.32 33.66
C ILE D 150 1.77 -15.02 34.66
N ASP D 151 2.23 -16.13 35.22
CA ASP D 151 1.45 -16.93 36.16
C ASP D 151 0.12 -17.37 35.54
N GLY D 152 0.16 -17.73 34.26
CA GLY D 152 -1.00 -18.26 33.58
C GLY D 152 -1.90 -17.22 32.92
N SER D 153 -1.74 -15.95 33.26
CA SER D 153 -2.57 -14.90 32.72
C SER D 153 -1.79 -14.04 31.73
N GLU D 154 -2.50 -13.53 30.72
CA GLU D 154 -1.85 -12.79 29.64
C GLU D 154 -1.45 -11.39 30.11
N ARG D 155 -0.29 -10.93 29.64
CA ARG D 155 0.20 -9.59 29.90
C ARG D 155 0.52 -8.91 28.57
N GLN D 156 0.10 -7.66 28.43
CA GLN D 156 0.32 -6.90 27.20
C GLN D 156 1.16 -5.64 27.39
N ASN D 157 1.18 -5.06 28.59
CA ASN D 157 1.98 -3.87 28.82
C ASN D 157 3.47 -4.24 28.92
N GLY D 158 4.32 -3.35 28.40
CA GLY D 158 5.75 -3.56 28.46
C GLY D 158 6.29 -4.57 27.48
N VAL D 159 5.59 -4.80 26.37
CA VAL D 159 6.01 -5.76 25.35
C VAL D 159 6.54 -4.99 24.14
N LEU D 160 7.64 -5.46 23.59
CA LEU D 160 8.23 -4.89 22.38
C LEU D 160 8.48 -6.01 21.38
N ASN D 161 7.95 -5.86 20.17
CA ASN D 161 8.07 -6.88 19.14
C ASN D 161 8.88 -6.34 17.97
N SER D 162 9.61 -7.25 17.32
CA SER D 162 10.44 -6.91 16.17
C SER D 162 10.41 -8.06 15.18
N TRP D 163 10.28 -7.73 13.90
CA TRP D 163 10.24 -8.71 12.82
C TRP D 163 11.37 -8.45 11.85
N THR D 164 11.95 -9.53 11.32
CA THR D 164 12.97 -9.43 10.29
C THR D 164 12.34 -9.53 8.91
N ASP D 165 13.05 -9.00 7.92
CA ASP D 165 12.66 -9.21 6.54
C ASP D 165 12.82 -10.69 6.17
N GLN D 166 12.30 -11.05 4.99
CA GLN D 166 12.42 -12.43 4.54
C GLN D 166 13.88 -12.82 4.40
N ASP D 167 14.25 -13.92 5.06
CA ASP D 167 15.63 -14.37 5.06
C ASP D 167 16.09 -14.72 3.66
N SER D 168 17.17 -14.09 3.22
CA SER D 168 17.66 -14.26 1.85
C SER D 168 18.34 -15.60 1.63
N LYS D 169 18.48 -16.45 2.66
CA LYS D 169 19.13 -17.74 2.54
C LYS D 169 18.13 -18.89 2.48
N ASP D 170 17.09 -18.88 3.32
CA ASP D 170 16.07 -19.93 3.32
C ASP D 170 14.64 -19.44 3.14
N SER D 171 14.44 -18.14 2.87
CA SER D 171 13.11 -17.58 2.58
C SER D 171 12.14 -17.75 3.75
N THR D 172 12.65 -17.75 4.97
CA THR D 172 11.84 -17.82 6.18
C THR D 172 11.83 -16.47 6.89
N TYR D 173 11.09 -16.41 7.98
CA TYR D 173 10.95 -15.18 8.77
C TYR D 173 11.31 -15.47 10.22
N SER D 174 11.63 -14.40 10.94
CA SER D 174 12.00 -14.50 12.35
C SER D 174 11.38 -13.35 13.13
N MET D 175 11.21 -13.55 14.43
CA MET D 175 10.55 -12.58 15.29
C MET D 175 11.20 -12.60 16.66
N SER D 176 11.27 -11.42 17.28
CA SER D 176 11.77 -11.27 18.64
C SER D 176 10.76 -10.49 19.48
N SER D 177 10.57 -10.94 20.71
CA SER D 177 9.63 -10.29 21.63
C SER D 177 10.27 -10.17 23.00
N THR D 178 10.26 -8.96 23.55
CA THR D 178 10.88 -8.66 24.82
C THR D 178 9.85 -8.08 25.78
N LEU D 179 9.72 -8.69 26.96
CA LEU D 179 8.82 -8.25 28.01
C LEU D 179 9.66 -7.63 29.11
N THR D 180 9.53 -6.31 29.30
CA THR D 180 10.35 -5.55 30.23
C THR D 180 9.54 -5.22 31.47
N LEU D 181 10.02 -5.64 32.63
CA LEU D 181 9.43 -5.30 33.91
C LEU D 181 10.52 -4.78 34.83
N THR D 182 10.11 -4.16 35.94
CA THR D 182 11.06 -3.80 36.98
C THR D 182 11.51 -5.05 37.72
N LYS D 183 12.59 -4.91 38.48
CA LYS D 183 13.09 -6.04 39.25
C LYS D 183 12.06 -6.49 40.29
N ASP D 184 11.54 -5.55 41.08
CA ASP D 184 10.60 -5.88 42.13
C ASP D 184 9.36 -6.59 41.58
N GLU D 185 8.90 -6.18 40.39
CA GLU D 185 7.76 -6.85 39.78
C GLU D 185 8.14 -8.26 39.32
N TYR D 186 9.38 -8.44 38.86
CA TYR D 186 9.80 -9.75 38.37
C TYR D 186 9.82 -10.79 39.49
N GLU D 187 10.27 -10.40 40.69
CA GLU D 187 10.36 -11.33 41.81
C GLU D 187 9.00 -11.65 42.43
N ARG D 188 7.96 -10.88 42.11
CA ARG D 188 6.63 -11.10 42.68
C ARG D 188 5.82 -12.14 41.94
N HIS D 189 6.38 -12.77 40.90
CA HIS D 189 5.66 -13.78 40.13
C HIS D 189 6.59 -14.96 39.89
N ASN D 190 5.99 -16.08 39.49
CA ASN D 190 6.71 -17.33 39.32
C ASN D 190 6.81 -17.76 37.86
N SER D 191 5.68 -17.96 37.18
CA SER D 191 5.66 -18.53 35.84
C SER D 191 5.82 -17.45 34.79
N TYR D 192 6.57 -17.76 33.74
CA TYR D 192 6.78 -16.85 32.61
C TYR D 192 6.75 -17.65 31.33
N THR D 193 5.89 -17.25 30.40
CA THR D 193 5.58 -18.05 29.22
C THR D 193 5.34 -17.15 28.02
N CYS D 194 5.89 -17.55 26.87
CA CYS D 194 5.54 -16.96 25.57
C CYS D 194 4.94 -18.04 24.70
N GLU D 195 3.73 -17.80 24.20
CA GLU D 195 3.01 -18.76 23.37
C GLU D 195 2.96 -18.25 21.93
N ALA D 196 3.16 -19.18 20.98
CA ALA D 196 3.20 -18.85 19.57
C ALA D 196 2.09 -19.60 18.84
N THR D 197 1.21 -18.85 18.18
CA THR D 197 0.16 -19.43 17.35
C THR D 197 0.58 -19.36 15.89
N HIS D 198 0.65 -20.51 15.24
CA HIS D 198 1.09 -20.59 13.85
C HIS D 198 0.22 -21.62 13.13
N LYS D 199 0.16 -21.48 11.80
CA LYS D 199 -0.67 -22.37 11.00
C LYS D 199 -0.13 -23.80 10.96
N THR D 200 1.13 -24.00 11.30
CA THR D 200 1.74 -25.32 11.27
C THR D 200 1.41 -26.17 12.49
N SER D 201 0.54 -25.68 13.39
CA SER D 201 0.18 -26.42 14.58
C SER D 201 -1.21 -25.99 15.04
N THR D 202 -2.02 -26.97 15.47
CA THR D 202 -3.34 -26.65 15.97
C THR D 202 -3.29 -26.01 17.35
N SER D 203 -2.41 -26.54 18.22
CA SER D 203 -2.20 -26.02 19.57
C SER D 203 -1.00 -25.07 19.59
N PRO D 204 -1.03 -24.07 20.47
CA PRO D 204 0.09 -23.11 20.52
C PRO D 204 1.38 -23.76 20.97
N ILE D 205 2.48 -23.29 20.40
CA ILE D 205 3.81 -23.70 20.84
C ILE D 205 4.18 -22.90 22.08
N VAL D 206 4.55 -23.62 23.14
CA VAL D 206 4.73 -23.03 24.47
C VAL D 206 6.16 -23.27 24.92
N LYS D 207 6.82 -22.20 25.38
CA LYS D 207 8.12 -22.27 26.04
C LYS D 207 8.02 -21.47 27.34
N SER D 208 8.48 -22.06 28.43
CA SER D 208 8.26 -21.48 29.75
C SER D 208 9.44 -21.78 30.67
N PHE D 209 9.46 -21.07 31.79
CA PHE D 209 10.39 -21.35 32.88
C PHE D 209 9.77 -20.84 34.18
N ASN D 210 10.14 -21.48 35.28
CA ASN D 210 9.62 -21.14 36.60
C ASN D 210 10.73 -20.53 37.44
N ARG D 211 10.44 -19.40 38.08
CA ARG D 211 11.44 -18.70 38.88
C ARG D 211 11.84 -19.50 40.11
N ASN D 212 10.93 -20.31 40.65
CA ASN D 212 11.23 -21.06 41.87
C ASN D 212 12.31 -22.11 41.63
N GLU D 213 12.41 -22.63 40.40
CA GLU D 213 13.42 -23.62 40.07
C GLU D 213 14.79 -23.00 39.81
N CYS D 214 14.94 -21.69 40.00
CA CYS D 214 16.21 -21.01 39.79
C CYS D 214 16.49 -20.09 40.98
ZN ZN E . -19.23 -13.24 -13.58
ZN ZN F . -23.33 1.19 18.13
ZN ZN G . 23.53 5.37 -17.19
ZN ZN H . 18.35 -17.04 8.74
ZN ZN I . -8.55 7.46 24.77
ZN ZN J . -3.02 3.90 -40.44
ZN ZN K . -3.51 -9.45 -5.99
ZN ZN L . 2.87 -10.99 2.58
ZN ZN M . 2.85 -8.10 39.71
ZN ZN N . 9.22 14.09 -21.71
#